data_7NUU
#
_entry.id   7NUU
#
_cell.length_a   61.777
_cell.length_b   84.336
_cell.length_c   154.166
_cell.angle_alpha   90.000
_cell.angle_beta   90.000
_cell.angle_gamma   90.000
#
_symmetry.space_group_name_H-M   'P 21 21 21'
#
loop_
_entity.id
_entity.type
_entity.pdbx_description
1 polymer 'N-acetylglucosamine-6-phosphate deacetylase'
2 non-polymer 'ZINC ION'
3 non-polymer GLYCEROL
4 water water
#
_entity_poly.entity_id   1
_entity_poly.type   'polypeptide(L)'
_entity_poly.pdbx_seq_one_letter_code
;MRGEQGAAGARVLQFTNCRILRGGKLLREDLWVRGGRILDPEKLFFEERRVADERRDCGGRILAPGFIDVQINGGFGVDF
SQATEDVGSGVALVARRILSHGVTSFCPTLVTSPPEVYHKVVPQIPVKSGGPHGAGVLGLHLEGPFISREKRGAHPEAHL
RSFEADAFQDLLATYGPLDNVRIVTLAPELGRSHEVIRALTARGICVSLGHSVADLRAAEDAVWSGATFITHLFNAMLPF
HHRDPGIVGLLTSDRLPAGRCIFYGMIADGTHTNPAALRIAHRAHPQGLVLVTDAIPALGLGNGRHTLGQQEVEVDGLTA
YVAGTKTLSGSIAPMDVCVRHFLQATGCSMESALEAASLHPAQLLGLEKSKGTLDFGADADFVVLDDSLHVQATYISGEL
VWQADAARQ
;
_entity_poly.pdbx_strand_id   A,B
#
# COMPACT_ATOMS: atom_id res chain seq x y z
N ALA A 8 -37.43 -21.01 20.32
CA ALA A 8 -38.76 -20.96 19.73
C ALA A 8 -39.77 -20.34 20.70
N GLY A 9 -39.45 -20.38 21.99
CA GLY A 9 -40.32 -19.87 23.03
C GLY A 9 -40.07 -18.43 23.43
N ALA A 10 -39.22 -17.71 22.71
CA ALA A 10 -38.90 -16.32 23.02
C ALA A 10 -39.67 -15.37 22.12
N ARG A 11 -39.62 -14.09 22.49
CA ARG A 11 -40.33 -13.06 21.75
C ARG A 11 -39.62 -12.72 20.44
N VAL A 12 -40.41 -12.44 19.40
CA VAL A 12 -39.89 -12.02 18.12
C VAL A 12 -39.95 -10.50 18.04
N LEU A 13 -38.79 -9.87 17.86
CA LEU A 13 -38.67 -8.43 17.67
C LEU A 13 -38.38 -8.11 16.20
N GLN A 14 -39.05 -7.08 15.69
CA GLN A 14 -38.86 -6.60 14.33
C GLN A 14 -38.44 -5.14 14.40
N PHE A 15 -37.21 -4.85 14.01
CA PHE A 15 -36.74 -3.48 13.88
C PHE A 15 -37.02 -3.03 12.46
N THR A 16 -37.74 -1.93 12.32
CA THR A 16 -38.23 -1.43 11.05
C THR A 16 -37.65 -0.04 10.77
N ASN A 17 -37.90 0.43 9.55
CA ASN A 17 -37.48 1.75 9.11
C ASN A 17 -36.00 1.95 9.40
N CYS A 18 -35.18 1.02 8.92
CA CYS A 18 -33.75 1.00 9.20
C CYS A 18 -32.99 0.55 7.96
N ARG A 19 -31.72 0.93 7.93
CA ARG A 19 -30.74 0.36 7.02
C ARG A 19 -29.82 -0.52 7.83
N ILE A 20 -29.58 -1.74 7.36
CA ILE A 20 -28.77 -2.71 8.08
C ILE A 20 -27.54 -3.07 7.25
N LEU A 21 -26.42 -3.23 7.94
CA LEU A 21 -25.19 -3.68 7.32
C LEU A 21 -25.23 -5.20 7.19
N ARG A 22 -25.34 -5.69 5.95
CA ARG A 22 -25.40 -7.13 5.71
C ARG A 22 -24.69 -7.43 4.41
N GLY A 23 -23.76 -8.38 4.44
CA GLY A 23 -23.04 -8.76 3.23
C GLY A 23 -22.27 -7.62 2.60
N GLY A 24 -21.69 -6.74 3.41
CA GLY A 24 -20.90 -5.64 2.91
C GLY A 24 -21.67 -4.47 2.37
N LYS A 25 -23.00 -4.44 2.53
CA LYS A 25 -23.83 -3.38 1.99
C LYS A 25 -24.79 -2.89 3.05
N LEU A 26 -25.20 -1.63 2.92
CA LEU A 26 -26.32 -1.09 3.70
C LEU A 26 -27.60 -1.36 2.94
N LEU A 27 -28.45 -2.21 3.51
CA LEU A 27 -29.71 -2.60 2.87
C LEU A 27 -30.88 -1.96 3.60
N ARG A 28 -31.87 -1.51 2.83
CA ARG A 28 -33.14 -1.04 3.37
C ARG A 28 -33.97 -2.28 3.69
N GLU A 29 -33.68 -2.89 4.84
CA GLU A 29 -34.35 -4.11 5.27
C GLU A 29 -34.49 -4.12 6.78
N ASP A 30 -35.57 -4.75 7.25
CA ASP A 30 -35.80 -4.89 8.68
C ASP A 30 -34.82 -5.87 9.31
N LEU A 31 -34.62 -5.73 10.62
CA LEU A 31 -33.84 -6.66 11.42
C LEU A 31 -34.78 -7.40 12.36
N TRP A 32 -34.78 -8.73 12.28
CA TRP A 32 -35.62 -9.57 13.12
C TRP A 32 -34.76 -10.32 14.14
N VAL A 33 -35.26 -10.40 15.37
CA VAL A 33 -34.52 -10.98 16.48
C VAL A 33 -35.45 -11.84 17.32
N ARG A 34 -34.93 -12.97 17.80
CA ARG A 34 -35.60 -13.77 18.79
C ARG A 34 -34.58 -14.52 19.62
N GLY A 35 -34.81 -14.56 20.93
CA GLY A 35 -33.91 -15.29 21.81
C GLY A 35 -32.48 -14.82 21.71
N GLY A 36 -32.27 -13.55 21.42
CA GLY A 36 -30.94 -12.99 21.31
C GLY A 36 -30.24 -13.22 19.98
N ARG A 37 -30.91 -13.84 19.01
CA ARG A 37 -30.28 -14.12 17.72
C ARG A 37 -31.10 -13.52 16.58
N ILE A 38 -30.40 -13.21 15.49
CA ILE A 38 -31.02 -12.67 14.28
C ILE A 38 -31.73 -13.77 13.51
N LEU A 39 -32.95 -13.47 13.06
CA LEU A 39 -33.83 -14.42 12.38
C LEU A 39 -33.97 -14.05 10.91
N ASP A 40 -34.08 -15.09 10.07
CA ASP A 40 -34.55 -14.90 8.69
C ASP A 40 -36.07 -14.74 8.73
N PRO A 41 -36.61 -13.54 8.48
CA PRO A 41 -38.07 -13.38 8.60
C PRO A 41 -38.85 -14.22 7.61
N GLU A 42 -38.31 -14.46 6.41
CA GLU A 42 -39.03 -15.30 5.46
C GLU A 42 -39.11 -16.73 5.95
N LYS A 43 -38.02 -17.22 6.53
CA LYS A 43 -38.03 -18.57 7.09
C LYS A 43 -38.99 -18.66 8.28
N LEU A 44 -39.06 -17.59 9.07
CA LEU A 44 -39.92 -17.59 10.25
C LEU A 44 -41.41 -17.63 9.87
N PHE A 45 -41.80 -16.87 8.85
CA PHE A 45 -43.19 -16.91 8.43
C PHE A 45 -43.53 -18.19 7.67
N PHE A 46 -42.55 -18.78 6.98
CA PHE A 46 -42.82 -19.92 6.12
C PHE A 46 -42.62 -21.27 6.83
N GLU A 47 -42.12 -21.28 8.04
CA GLU A 47 -41.93 -22.50 8.82
C GLU A 47 -42.68 -22.46 10.13
N GLU A 48 -42.62 -21.32 10.82
CA GLU A 48 -43.31 -21.13 12.08
C GLU A 48 -44.66 -20.43 11.92
N ARG A 49 -44.88 -19.77 10.78
CA ARG A 49 -46.05 -18.93 10.53
C ARG A 49 -46.27 -17.96 11.69
N ARG A 50 -45.18 -17.35 12.14
CA ARG A 50 -45.18 -16.35 13.20
C ARG A 50 -44.82 -14.97 12.65
N VAL A 51 -45.41 -13.96 13.26
CA VAL A 51 -45.11 -12.56 12.96
C VAL A 51 -44.44 -11.96 14.18
N ALA A 52 -43.96 -10.72 14.04
CA ALA A 52 -43.29 -10.07 15.15
C ALA A 52 -44.25 -9.90 16.34
N ASP A 53 -43.73 -10.17 17.54
CA ASP A 53 -44.45 -9.86 18.77
C ASP A 53 -44.33 -8.39 19.12
N GLU A 54 -43.27 -7.74 18.66
CA GLU A 54 -43.03 -6.34 18.93
C GLU A 54 -42.30 -5.71 17.75
N ARG A 55 -42.71 -4.49 17.40
CA ARG A 55 -42.05 -3.72 16.34
C ARG A 55 -41.42 -2.46 16.93
N ARG A 56 -40.25 -2.11 16.41
CA ARG A 56 -39.53 -0.91 16.84
C ARG A 56 -39.08 -0.12 15.62
N ASP A 57 -39.61 1.10 15.48
CA ASP A 57 -39.24 2.00 14.39
C ASP A 57 -37.89 2.64 14.70
N CYS A 58 -36.95 2.50 13.78
CA CYS A 58 -35.58 3.00 13.96
C CYS A 58 -35.35 4.37 13.34
N GLY A 59 -36.40 5.01 12.83
CA GLY A 59 -36.29 6.37 12.31
C GLY A 59 -35.33 6.54 11.17
N GLY A 60 -35.17 5.52 10.33
CA GLY A 60 -34.27 5.60 9.19
C GLY A 60 -32.80 5.45 9.51
N ARG A 61 -32.45 5.17 10.76
CA ARG A 61 -31.05 5.08 11.15
C ARG A 61 -30.41 3.79 10.65
N ILE A 62 -29.11 3.65 10.92
CA ILE A 62 -28.31 2.54 10.44
C ILE A 62 -28.13 1.55 11.59
N LEU A 63 -28.31 0.27 11.31
CA LEU A 63 -27.98 -0.80 12.25
C LEU A 63 -26.74 -1.54 11.74
N ALA A 64 -25.75 -1.69 12.63
CA ALA A 64 -24.50 -2.37 12.30
C ALA A 64 -24.09 -3.24 13.48
N PRO A 65 -23.36 -4.32 13.23
CA PRO A 65 -22.93 -5.18 14.35
C PRO A 65 -22.13 -4.39 15.37
N GLY A 66 -22.31 -4.73 16.64
CA GLY A 66 -21.62 -4.02 17.69
C GLY A 66 -20.11 -4.14 17.55
N PHE A 67 -19.40 -3.07 17.90
CA PHE A 67 -17.96 -3.05 17.75
C PHE A 67 -17.28 -4.01 18.73
N ILE A 68 -16.13 -4.53 18.31
CA ILE A 68 -15.33 -5.49 19.08
C ILE A 68 -13.93 -4.92 19.20
N ASP A 69 -13.49 -4.67 20.43
CA ASP A 69 -12.20 -4.04 20.71
C ASP A 69 -11.29 -5.09 21.33
N VAL A 70 -10.29 -5.55 20.56
CA VAL A 70 -9.42 -6.63 21.02
C VAL A 70 -8.13 -6.11 21.65
N GLN A 71 -7.98 -4.79 21.80
CA GLN A 71 -6.82 -4.25 22.52
C GLN A 71 -7.27 -2.98 23.25
N ILE A 72 -7.59 -3.14 24.53
CA ILE A 72 -7.99 -2.04 25.40
C ILE A 72 -7.45 -2.35 26.80
N ASN A 73 -6.62 -1.45 27.33
CA ASN A 73 -5.88 -1.69 28.57
C ASN A 73 -6.62 -1.22 29.81
N GLY A 74 -7.77 -0.60 29.64
CA GLY A 74 -8.52 -0.02 30.74
C GLY A 74 -9.30 1.17 30.25
N GLY A 75 -9.73 1.99 31.19
CA GLY A 75 -10.47 3.19 30.87
C GLY A 75 -11.28 3.66 32.05
N PHE A 76 -11.65 4.95 32.01
CA PHE A 76 -12.48 5.53 33.07
C PHE A 76 -11.85 5.36 34.45
N GLY A 77 -10.52 5.48 34.51
CA GLY A 77 -9.79 5.35 35.75
C GLY A 77 -9.33 3.95 36.08
N VAL A 78 -9.76 2.94 35.32
CA VAL A 78 -9.45 1.54 35.59
C VAL A 78 -8.26 1.12 34.76
N ASP A 79 -7.29 0.48 35.42
CA ASP A 79 -6.09 -0.07 34.79
C ASP A 79 -6.15 -1.59 34.99
N PHE A 80 -6.36 -2.33 33.90
CA PHE A 80 -6.50 -3.78 34.01
C PHE A 80 -5.21 -4.45 34.49
N SER A 81 -4.05 -3.81 34.30
CA SER A 81 -2.77 -4.40 34.67
C SER A 81 -2.39 -4.11 36.12
N GLN A 82 -3.37 -3.96 37.01
CA GLN A 82 -3.13 -3.76 38.43
C GLN A 82 -3.82 -4.86 39.21
N ALA A 83 -3.11 -5.46 40.15
CA ALA A 83 -3.70 -6.47 41.04
C ALA A 83 -4.37 -5.73 42.20
N THR A 84 -5.53 -5.16 41.90
CA THR A 84 -6.28 -4.42 42.89
C THR A 84 -7.19 -5.35 43.67
N GLU A 85 -7.84 -4.80 44.70
CA GLU A 85 -8.66 -5.61 45.59
C GLU A 85 -9.94 -6.09 44.91
N ASP A 86 -10.42 -5.40 43.88
CA ASP A 86 -11.63 -5.82 43.14
C ASP A 86 -11.37 -5.63 41.64
N VAL A 87 -10.56 -6.54 41.08
CA VAL A 87 -10.30 -6.51 39.65
C VAL A 87 -11.61 -6.60 38.87
N GLY A 88 -12.49 -7.51 39.28
CA GLY A 88 -13.72 -7.73 38.52
C GLY A 88 -14.58 -6.47 38.42
N SER A 89 -14.60 -5.68 39.49
CA SER A 89 -15.38 -4.45 39.48
C SER A 89 -14.88 -3.48 38.42
N GLY A 90 -13.56 -3.35 38.28
CA GLY A 90 -13.00 -2.47 37.27
C GLY A 90 -13.34 -2.91 35.86
N VAL A 91 -13.22 -4.21 35.58
CA VAL A 91 -13.62 -4.73 34.28
C VAL A 91 -15.09 -4.43 34.02
N ALA A 92 -15.94 -4.60 35.04
CA ALA A 92 -17.36 -4.34 34.86
C ALA A 92 -17.62 -2.89 34.52
N LEU A 93 -16.96 -1.97 35.22
CA LEU A 93 -17.13 -0.55 34.95
C LEU A 93 -16.80 -0.23 33.49
N VAL A 94 -15.63 -0.67 33.03
CA VAL A 94 -15.24 -0.44 31.64
C VAL A 94 -16.25 -1.10 30.69
N ALA A 95 -16.61 -2.36 30.97
CA ALA A 95 -17.57 -3.06 30.13
C ALA A 95 -18.85 -2.24 29.98
N ARG A 96 -19.30 -1.62 31.07
CA ARG A 96 -20.52 -0.81 31.03
C ARG A 96 -20.33 0.44 30.19
N ARG A 97 -19.26 1.18 30.44
CA ARG A 97 -19.13 2.50 29.84
C ARG A 97 -18.89 2.44 28.34
N ILE A 98 -18.18 1.41 27.85
CA ILE A 98 -17.88 1.35 26.43
C ILE A 98 -19.10 0.97 25.61
N LEU A 99 -20.20 0.57 26.25
CA LEU A 99 -21.47 0.43 25.54
C LEU A 99 -21.81 1.73 24.82
N SER A 100 -21.53 2.87 25.46
CA SER A 100 -21.80 4.17 24.85
C SER A 100 -20.85 4.47 23.70
N HIS A 101 -19.79 3.69 23.53
CA HIS A 101 -18.92 3.82 22.38
C HIS A 101 -19.30 2.86 21.26
N GLY A 102 -20.40 2.13 21.41
CA GLY A 102 -20.81 1.15 20.44
C GLY A 102 -20.13 -0.19 20.58
N VAL A 103 -19.37 -0.40 21.65
CA VAL A 103 -18.61 -1.64 21.83
C VAL A 103 -19.47 -2.62 22.62
N THR A 104 -19.64 -3.82 22.06
CA THR A 104 -20.42 -4.86 22.69
C THR A 104 -19.61 -6.10 23.08
N SER A 105 -18.35 -6.20 22.64
CA SER A 105 -17.43 -7.25 23.08
C SER A 105 -16.04 -6.64 23.12
N PHE A 106 -15.19 -7.15 24.01
CA PHE A 106 -13.82 -6.66 24.07
C PHE A 106 -12.91 -7.67 24.75
N CYS A 107 -11.61 -7.47 24.57
CA CYS A 107 -10.57 -8.27 25.22
C CYS A 107 -9.82 -7.38 26.20
N PRO A 108 -10.11 -7.43 27.49
CA PRO A 108 -9.27 -6.71 28.45
C PRO A 108 -7.81 -7.06 28.23
N THR A 109 -6.97 -6.03 28.15
CA THR A 109 -5.58 -6.20 27.76
C THR A 109 -4.68 -5.82 28.92
N LEU A 110 -3.66 -6.64 29.15
CA LEU A 110 -2.64 -6.40 30.16
C LEU A 110 -1.31 -6.17 29.48
N VAL A 111 -0.56 -5.18 29.96
CA VAL A 111 0.76 -4.89 29.43
C VAL A 111 1.80 -5.62 30.26
N THR A 112 3.06 -5.60 29.79
CA THR A 112 4.20 -6.22 30.46
C THR A 112 4.18 -5.95 31.96
N SER A 113 4.17 -7.03 32.75
CA SER A 113 4.01 -6.92 34.20
C SER A 113 4.84 -8.00 34.87
N PRO A 114 5.11 -7.87 36.17
CA PRO A 114 5.75 -8.99 36.88
C PRO A 114 4.80 -10.16 36.97
N PRO A 115 5.32 -11.39 37.01
CA PRO A 115 4.43 -12.56 37.02
C PRO A 115 3.37 -12.53 38.10
N GLU A 116 3.68 -11.95 39.27
CA GLU A 116 2.73 -11.96 40.38
C GLU A 116 1.45 -11.22 40.01
N VAL A 117 1.56 -10.20 39.16
CA VAL A 117 0.37 -9.48 38.71
C VAL A 117 -0.49 -10.39 37.85
N TYR A 118 0.11 -11.08 36.88
CA TYR A 118 -0.66 -12.00 36.05
C TYR A 118 -1.32 -13.08 36.89
N HIS A 119 -0.58 -13.65 37.84
CA HIS A 119 -1.10 -14.75 38.63
C HIS A 119 -2.37 -14.36 39.37
N LYS A 120 -2.44 -13.11 39.83
CA LYS A 120 -3.61 -12.61 40.55
C LYS A 120 -4.71 -12.11 39.61
N VAL A 121 -4.34 -11.40 38.56
CA VAL A 121 -5.34 -10.73 37.72
C VAL A 121 -5.98 -11.70 36.75
N VAL A 122 -5.18 -12.55 36.10
CA VAL A 122 -5.72 -13.37 34.99
C VAL A 122 -6.91 -14.19 35.43
N PRO A 123 -6.88 -14.96 36.51
CA PRO A 123 -8.05 -15.77 36.90
C PRO A 123 -9.28 -14.95 37.27
N GLN A 124 -9.14 -13.64 37.49
CA GLN A 124 -10.26 -12.80 37.86
C GLN A 124 -10.96 -12.17 36.66
N ILE A 125 -10.48 -12.42 35.45
CA ILE A 125 -11.08 -11.83 34.25
C ILE A 125 -11.41 -12.94 33.26
N PRO A 126 -12.42 -13.76 33.53
CA PRO A 126 -12.81 -14.82 32.60
C PRO A 126 -13.74 -14.31 31.51
N VAL A 127 -13.93 -15.15 30.50
CA VAL A 127 -14.91 -14.88 29.46
C VAL A 127 -16.26 -14.67 30.11
N LYS A 128 -17.01 -13.70 29.60
CA LYS A 128 -18.31 -13.38 30.18
C LYS A 128 -19.19 -12.78 29.08
N SER A 129 -20.42 -13.27 29.00
CA SER A 129 -21.35 -12.80 27.98
C SER A 129 -21.74 -11.35 28.25
N GLY A 130 -22.02 -10.62 27.18
CA GLY A 130 -22.50 -9.27 27.31
C GLY A 130 -23.94 -9.21 27.80
N GLY A 131 -24.36 -8.01 28.19
CA GLY A 131 -25.71 -7.78 28.62
C GLY A 131 -25.90 -6.39 29.17
N PRO A 132 -26.96 -6.17 29.94
CA PRO A 132 -27.15 -4.86 30.58
C PRO A 132 -25.99 -4.48 31.47
N HIS A 133 -25.19 -5.44 31.91
CA HIS A 133 -24.06 -5.20 32.79
C HIS A 133 -22.82 -4.75 32.04
N GLY A 134 -22.83 -4.75 30.71
CA GLY A 134 -21.71 -4.26 29.95
C GLY A 134 -21.38 -5.13 28.75
N ALA A 135 -20.43 -4.66 27.93
CA ALA A 135 -19.95 -5.45 26.81
C ALA A 135 -19.41 -6.79 27.30
N GLY A 136 -19.52 -7.80 26.43
CA GLY A 136 -19.02 -9.12 26.79
C GLY A 136 -17.51 -9.15 26.82
N VAL A 137 -16.98 -9.99 27.69
CA VAL A 137 -15.54 -10.22 27.78
C VAL A 137 -15.23 -11.49 27.00
N LEU A 138 -14.46 -11.34 25.92
CA LEU A 138 -14.10 -12.45 25.04
C LEU A 138 -12.87 -13.22 25.52
N GLY A 139 -12.20 -12.74 26.55
CA GLY A 139 -10.92 -13.28 26.98
C GLY A 139 -9.84 -12.22 26.99
N LEU A 140 -8.73 -12.58 27.62
CA LEU A 140 -7.66 -11.62 27.83
C LEU A 140 -6.74 -11.52 26.64
N HIS A 141 -6.21 -10.33 26.43
CA HIS A 141 -5.12 -10.06 25.51
C HIS A 141 -3.90 -9.72 26.37
N LEU A 142 -2.90 -10.59 26.34
CA LEU A 142 -1.66 -10.37 27.09
C LEU A 142 -0.63 -9.79 26.12
N GLU A 143 -0.38 -8.49 26.25
CA GLU A 143 0.58 -7.81 25.39
C GLU A 143 1.88 -7.68 26.15
N GLY A 144 2.88 -8.47 25.74
CA GLY A 144 4.09 -8.62 26.51
C GLY A 144 3.90 -9.69 27.57
N PRO A 145 4.97 -10.03 28.30
CA PRO A 145 6.29 -9.41 28.33
C PRO A 145 7.31 -9.97 27.34
N PHE A 146 6.89 -10.89 26.48
CA PHE A 146 7.84 -11.58 25.59
C PHE A 146 7.96 -10.79 24.29
N ILE A 147 8.53 -9.58 24.44
CA ILE A 147 8.68 -8.63 23.35
C ILE A 147 10.09 -8.06 23.41
N SER A 148 10.42 -7.27 22.40
CA SER A 148 11.77 -6.75 22.23
C SER A 148 12.01 -5.54 23.12
N ARG A 149 13.25 -5.44 23.60
CA ARG A 149 13.67 -4.25 24.32
C ARG A 149 13.71 -3.04 23.39
N GLU A 150 14.20 -3.24 22.16
CA GLU A 150 14.34 -2.13 21.23
C GLU A 150 13.01 -1.45 20.95
N LYS A 151 11.92 -2.20 20.93
CA LYS A 151 10.60 -1.67 20.60
C LYS A 151 9.63 -1.87 21.76
N ARG A 152 10.14 -1.76 22.99
CA ARG A 152 9.26 -1.96 24.14
C ARG A 152 8.24 -0.85 24.27
N GLY A 153 8.46 0.30 23.65
CA GLY A 153 7.51 1.39 23.74
C GLY A 153 7.27 1.77 25.19
N ALA A 154 6.00 1.73 25.60
CA ALA A 154 5.62 2.05 26.97
C ALA A 154 5.77 0.88 27.93
N HIS A 155 6.26 -0.27 27.47
CA HIS A 155 6.44 -1.41 28.35
C HIS A 155 7.75 -1.30 29.11
N PRO A 156 7.78 -1.54 30.42
CA PRO A 156 9.01 -1.31 31.20
C PRO A 156 10.06 -2.38 30.94
N GLU A 157 11.29 -1.92 30.68
CA GLU A 157 12.38 -2.84 30.39
C GLU A 157 12.58 -3.87 31.50
N ALA A 158 12.40 -3.46 32.76
CA ALA A 158 12.73 -4.34 33.88
C ALA A 158 11.89 -5.61 33.90
N HIS A 159 10.74 -5.63 33.23
CA HIS A 159 9.84 -6.76 33.31
C HIS A 159 9.71 -7.50 31.98
N LEU A 160 10.55 -7.20 31.01
CA LEU A 160 10.59 -7.98 29.78
C LEU A 160 11.17 -9.37 30.09
N ARG A 161 10.77 -10.34 29.27
CA ARG A 161 11.20 -11.71 29.45
C ARG A 161 11.46 -12.37 28.10
N SER A 162 12.17 -13.50 28.14
CA SER A 162 12.48 -14.26 26.94
C SER A 162 12.12 -15.72 27.14
N PHE A 163 12.25 -16.49 26.05
CA PHE A 163 11.81 -17.88 25.96
C PHE A 163 12.93 -18.90 26.06
N GLU A 164 14.19 -18.47 25.89
CA GLU A 164 15.24 -19.40 25.52
C GLU A 164 15.37 -20.56 26.51
N ALA A 165 15.11 -20.31 27.78
CA ALA A 165 15.33 -21.33 28.81
C ALA A 165 14.46 -22.55 28.55
N ASP A 166 13.14 -22.40 28.69
CA ASP A 166 12.23 -23.54 28.51
C ASP A 166 10.96 -23.14 27.77
N ALA A 167 11.03 -22.11 26.92
CA ALA A 167 9.99 -21.81 25.94
C ALA A 167 8.59 -21.73 26.56
N PHE A 168 7.68 -22.61 26.14
CA PHE A 168 6.28 -22.50 26.57
C PHE A 168 6.14 -22.61 28.08
N GLN A 169 7.00 -23.38 28.74
CA GLN A 169 6.93 -23.47 30.20
C GLN A 169 7.30 -22.13 30.85
N ASP A 170 8.28 -21.41 30.29
CA ASP A 170 8.56 -20.08 30.80
C ASP A 170 7.32 -19.19 30.69
N LEU A 171 6.58 -19.30 29.59
CA LEU A 171 5.37 -18.51 29.41
C LEU A 171 4.29 -18.93 30.38
N LEU A 172 4.16 -20.24 30.60
CA LEU A 172 3.15 -20.73 31.54
C LEU A 172 3.45 -20.28 32.95
N ALA A 173 4.72 -20.35 33.37
CA ALA A 173 5.10 -19.89 34.70
C ALA A 173 4.91 -18.38 34.84
N THR A 174 5.06 -17.64 33.76
CA THR A 174 4.96 -16.19 33.83
C THR A 174 3.50 -15.75 33.95
N TYR A 175 2.64 -16.25 33.07
CA TYR A 175 1.26 -15.82 33.04
C TYR A 175 0.39 -16.59 34.03
N GLY A 176 0.77 -17.81 34.37
CA GLY A 176 -0.11 -18.71 35.08
C GLY A 176 -1.06 -19.40 34.11
N PRO A 177 -2.03 -20.13 34.63
CA PRO A 177 -2.99 -20.82 33.76
C PRO A 177 -3.62 -19.88 32.75
N LEU A 178 -3.77 -20.38 31.51
CA LEU A 178 -4.14 -19.57 30.36
C LEU A 178 -5.60 -19.68 29.98
N ASP A 179 -6.44 -20.26 30.86
CA ASP A 179 -7.82 -20.54 30.50
C ASP A 179 -8.54 -19.28 30.02
N ASN A 180 -8.29 -18.15 30.65
CA ASN A 180 -8.99 -16.92 30.31
C ASN A 180 -8.31 -16.13 29.20
N VAL A 181 -7.23 -16.65 28.62
CA VAL A 181 -6.43 -15.89 27.65
C VAL A 181 -6.91 -16.20 26.24
N ARG A 182 -7.07 -15.14 25.43
CA ARG A 182 -7.49 -15.28 24.05
C ARG A 182 -6.46 -14.80 23.04
N ILE A 183 -5.65 -13.79 23.39
CA ILE A 183 -4.63 -13.25 22.50
C ILE A 183 -3.35 -13.06 23.31
N VAL A 184 -2.21 -13.34 22.69
CA VAL A 184 -0.90 -13.01 23.23
C VAL A 184 -0.11 -12.28 22.15
N THR A 185 0.37 -11.08 22.45
CA THR A 185 1.32 -10.39 21.58
C THR A 185 2.73 -10.73 22.05
N LEU A 186 3.56 -11.14 21.10
CA LEU A 186 4.95 -11.43 21.36
C LEU A 186 5.76 -10.98 20.16
N ALA A 187 7.06 -10.86 20.37
CA ALA A 187 7.98 -10.53 19.29
C ALA A 187 8.61 -11.80 18.77
N PRO A 188 8.39 -12.19 17.51
CA PRO A 188 8.80 -13.53 17.06
C PRO A 188 10.30 -13.71 16.87
N GLU A 189 11.10 -12.64 16.85
CA GLU A 189 12.55 -12.82 16.75
C GLU A 189 13.14 -13.40 18.03
N LEU A 190 12.38 -13.44 19.13
CA LEU A 190 12.83 -14.11 20.32
C LEU A 190 13.18 -15.57 20.01
N GLY A 191 14.29 -16.04 20.56
CA GLY A 191 14.65 -17.43 20.35
C GLY A 191 13.56 -18.36 20.85
N ARG A 192 13.32 -19.43 20.09
CA ARG A 192 12.34 -20.46 20.42
C ARG A 192 10.89 -19.98 20.33
N SER A 193 10.64 -18.87 19.64
CA SER A 193 9.26 -18.39 19.50
C SER A 193 8.40 -19.40 18.76
N HIS A 194 8.97 -20.15 17.81
CA HIS A 194 8.20 -21.16 17.08
C HIS A 194 7.50 -22.13 18.02
N GLU A 195 8.23 -22.69 18.98
CA GLU A 195 7.63 -23.64 19.91
C GLU A 195 6.50 -23.00 20.68
N VAL A 196 6.69 -21.76 21.11
CA VAL A 196 5.67 -21.06 21.88
C VAL A 196 4.45 -20.78 21.01
N ILE A 197 4.67 -20.37 19.76
CA ILE A 197 3.53 -20.07 18.89
C ILE A 197 2.71 -21.32 18.65
N ARG A 198 3.38 -22.46 18.41
CA ARG A 198 2.67 -23.72 18.24
C ARG A 198 1.86 -24.07 19.48
N ALA A 199 2.46 -23.96 20.65
CA ALA A 199 1.75 -24.34 21.87
C ALA A 199 0.54 -23.45 22.10
N LEU A 200 0.70 -22.13 21.90
CA LEU A 200 -0.41 -21.22 22.15
C LEU A 200 -1.56 -21.46 21.19
N THR A 201 -1.27 -21.56 19.88
CA THR A 201 -2.34 -21.73 18.92
C THR A 201 -2.98 -23.11 19.01
N ALA A 202 -2.22 -24.13 19.42
CA ALA A 202 -2.82 -25.44 19.63
C ALA A 202 -3.88 -25.39 20.74
N ARG A 203 -3.72 -24.47 21.69
CA ARG A 203 -4.68 -24.27 22.77
C ARG A 203 -5.76 -23.26 22.40
N GLY A 204 -5.85 -22.85 21.14
CA GLY A 204 -6.87 -21.92 20.71
C GLY A 204 -6.57 -20.47 20.99
N ILE A 205 -5.34 -20.13 21.35
CA ILE A 205 -4.99 -18.76 21.67
C ILE A 205 -4.42 -18.10 20.41
N CYS A 206 -4.95 -16.92 20.08
CA CYS A 206 -4.44 -16.16 18.95
C CYS A 206 -3.09 -15.56 19.30
N VAL A 207 -2.12 -15.71 18.39
CA VAL A 207 -0.79 -15.13 18.57
C VAL A 207 -0.66 -13.91 17.67
N SER A 208 -0.28 -12.78 18.25
CA SER A 208 -0.09 -11.54 17.51
C SER A 208 1.37 -11.13 17.59
N LEU A 209 1.87 -10.56 16.50
CA LEU A 209 3.25 -10.11 16.40
C LEU A 209 3.32 -8.61 16.68
N GLY A 210 4.18 -8.22 17.62
CA GLY A 210 4.27 -6.81 17.93
C GLY A 210 5.45 -6.51 18.83
N HIS A 211 5.70 -5.21 18.98
CA HIS A 211 6.82 -4.72 19.79
C HIS A 211 8.10 -5.49 19.45
N SER A 212 8.45 -5.44 18.16
CA SER A 212 9.36 -6.40 17.56
C SER A 212 10.26 -5.73 16.54
N VAL A 213 11.51 -6.21 16.46
CA VAL A 213 12.42 -5.80 15.39
C VAL A 213 12.60 -6.94 14.42
N ALA A 214 11.59 -7.79 14.29
CA ALA A 214 11.64 -8.89 13.34
C ALA A 214 11.66 -8.37 11.92
N ASP A 215 12.40 -9.06 11.04
CA ASP A 215 12.31 -8.75 9.62
C ASP A 215 11.16 -9.54 8.99
N LEU A 216 10.92 -9.33 7.70
CA LEU A 216 9.77 -9.95 7.06
C LEU A 216 9.84 -11.46 7.10
N ARG A 217 11.02 -12.04 6.81
CA ARG A 217 11.11 -13.49 6.81
C ARG A 217 10.78 -14.06 8.19
N ALA A 218 11.28 -13.43 9.25
CA ALA A 218 10.93 -13.90 10.60
C ALA A 218 9.44 -13.80 10.85
N ALA A 219 8.81 -12.73 10.37
CA ALA A 219 7.37 -12.57 10.55
C ALA A 219 6.60 -13.64 9.77
N GLU A 220 7.02 -13.92 8.53
CA GLU A 220 6.40 -14.97 7.74
C GLU A 220 6.56 -16.33 8.42
N ASP A 221 7.76 -16.62 8.95
CA ASP A 221 7.94 -17.84 9.71
C ASP A 221 6.92 -17.93 10.84
N ALA A 222 6.67 -16.81 11.52
CA ALA A 222 5.76 -16.83 12.66
C ALA A 222 4.32 -17.09 12.21
N VAL A 223 3.94 -16.58 11.05
CA VAL A 223 2.62 -16.88 10.52
C VAL A 223 2.51 -18.38 10.23
N TRP A 224 3.53 -18.95 9.58
CA TRP A 224 3.50 -20.38 9.29
C TRP A 224 3.43 -21.20 10.57
N SER A 225 4.04 -20.71 11.66
CA SER A 225 3.91 -21.37 12.96
C SER A 225 2.51 -21.23 13.54
N GLY A 226 1.72 -20.26 13.09
CA GLY A 226 0.36 -20.12 13.56
C GLY A 226 -0.09 -18.72 13.90
N ALA A 227 0.82 -17.73 13.87
CA ALA A 227 0.43 -16.38 14.19
C ALA A 227 -0.57 -15.85 13.17
N THR A 228 -1.58 -15.09 13.63
CA THR A 228 -2.63 -14.56 12.77
C THR A 228 -2.93 -13.08 12.96
N PHE A 229 -2.18 -12.36 13.81
CA PHE A 229 -2.50 -10.97 14.10
C PHE A 229 -1.22 -10.18 14.16
N ILE A 230 -1.33 -8.89 13.86
CA ILE A 230 -0.25 -7.92 14.06
C ILE A 230 -0.78 -6.84 15.00
N THR A 231 0.01 -6.51 16.01
CA THR A 231 -0.39 -5.55 17.03
C THR A 231 0.02 -4.13 16.63
N HIS A 232 -0.97 -3.23 16.63
CA HIS A 232 -0.90 -1.86 16.14
C HIS A 232 0.19 -1.64 15.10
N LEU A 233 -0.14 -2.00 13.87
CA LEU A 233 0.74 -1.84 12.73
C LEU A 233 1.35 -0.45 12.68
N PHE A 234 2.64 -0.42 12.37
CA PHE A 234 3.50 0.77 12.29
C PHE A 234 3.99 1.25 13.65
N ASN A 235 3.29 0.92 14.73
CA ASN A 235 3.69 1.33 16.07
C ASN A 235 4.53 0.25 16.73
N ALA A 236 5.69 0.63 17.27
CA ALA A 236 6.57 -0.29 17.98
C ALA A 236 7.01 -1.44 17.07
N MET A 237 7.38 -1.10 15.84
CA MET A 237 7.98 -2.04 14.91
C MET A 237 8.83 -1.25 13.94
N LEU A 238 9.68 -1.96 13.21
CA LEU A 238 10.53 -1.28 12.27
C LEU A 238 9.69 -0.73 11.12
N PRO A 239 10.11 0.37 10.50
CA PRO A 239 9.36 0.93 9.38
C PRO A 239 9.42 0.04 8.16
N PHE A 240 8.53 0.34 7.22
CA PHE A 240 8.61 -0.28 5.90
C PHE A 240 9.77 0.30 5.10
N HIS A 241 10.61 -0.58 4.58
CA HIS A 241 11.70 -0.21 3.70
C HIS A 241 11.58 -1.06 2.44
N HIS A 242 11.97 -0.49 1.32
CA HIS A 242 11.74 -1.15 0.03
C HIS A 242 12.70 -2.31 -0.24
N ARG A 243 13.75 -2.47 0.57
CA ARG A 243 14.55 -3.68 0.56
C ARG A 243 14.55 -4.38 1.91
N ASP A 244 13.76 -3.88 2.86
CA ASP A 244 13.63 -4.51 4.17
C ASP A 244 12.23 -4.17 4.69
N PRO A 245 11.22 -4.94 4.27
CA PRO A 245 9.83 -4.51 4.54
C PRO A 245 9.35 -4.70 5.96
N GLY A 246 10.02 -5.52 6.77
CA GLY A 246 9.59 -5.77 8.12
C GLY A 246 8.18 -6.36 8.20
N ILE A 247 7.58 -6.17 9.37
CA ILE A 247 6.26 -6.74 9.67
C ILE A 247 5.20 -6.16 8.72
N VAL A 248 5.34 -4.89 8.33
CA VAL A 248 4.36 -4.31 7.42
C VAL A 248 4.30 -5.12 6.13
N GLY A 249 5.40 -5.75 5.74
CA GLY A 249 5.44 -6.58 4.55
C GLY A 249 4.52 -7.77 4.60
N LEU A 250 4.03 -8.15 5.80
CA LEU A 250 3.05 -9.24 5.85
C LEU A 250 1.79 -8.90 5.07
N LEU A 251 1.45 -7.62 4.97
CA LEU A 251 0.22 -7.25 4.27
C LEU A 251 0.29 -7.52 2.77
N THR A 252 1.48 -7.65 2.21
CA THR A 252 1.63 -7.90 0.78
C THR A 252 2.33 -9.20 0.48
N SER A 253 2.66 -10.01 1.49
CA SER A 253 3.46 -11.20 1.26
C SER A 253 2.69 -12.23 0.46
N ASP A 254 3.38 -12.86 -0.49
CA ASP A 254 2.83 -14.01 -1.20
C ASP A 254 3.39 -15.32 -0.66
N ARG A 255 4.16 -15.28 0.44
CA ARG A 255 4.79 -16.46 1.00
C ARG A 255 4.00 -17.03 2.17
N LEU A 256 2.78 -16.56 2.39
CA LEU A 256 1.98 -17.01 3.53
C LEU A 256 1.07 -18.15 3.09
N PRO A 257 0.47 -18.85 4.04
CA PRO A 257 -0.44 -19.94 3.66
C PRO A 257 -1.54 -19.39 2.74
N ALA A 258 -1.75 -20.08 1.63
CA ALA A 258 -2.65 -19.58 0.61
C ALA A 258 -4.06 -19.44 1.16
N GLY A 259 -4.69 -18.30 0.90
CA GLY A 259 -6.07 -18.08 1.27
C GLY A 259 -6.33 -17.81 2.74
N ARG A 260 -5.30 -17.73 3.58
CA ARG A 260 -5.48 -17.43 4.99
C ARG A 260 -5.22 -15.95 5.25
N CYS A 261 -6.14 -15.31 5.95
CA CYS A 261 -6.10 -13.87 6.17
C CYS A 261 -5.32 -13.55 7.45
N ILE A 262 -4.21 -12.82 7.28
CA ILE A 262 -3.49 -12.25 8.40
C ILE A 262 -4.16 -10.93 8.78
N PHE A 263 -4.56 -10.79 10.02
CA PHE A 263 -5.19 -9.56 10.49
C PHE A 263 -4.17 -8.64 11.16
N TYR A 264 -4.52 -7.35 11.23
CA TYR A 264 -3.61 -6.35 11.78
C TYR A 264 -4.39 -5.23 12.41
N GLY A 265 -4.00 -4.87 13.62
CA GLY A 265 -4.65 -3.77 14.29
C GLY A 265 -4.08 -2.43 13.86
N MET A 266 -4.93 -1.43 13.84
CA MET A 266 -4.49 -0.05 13.64
C MET A 266 -5.21 0.85 14.62
N ILE A 267 -4.46 1.79 15.19
CA ILE A 267 -5.00 2.78 16.12
C ILE A 267 -5.34 4.02 15.32
N ALA A 268 -6.63 4.28 15.12
CA ALA A 268 -7.10 5.40 14.32
C ALA A 268 -7.52 6.58 15.20
N ASP A 269 -6.62 6.98 16.10
CA ASP A 269 -6.87 8.10 16.99
C ASP A 269 -6.36 9.42 16.44
N GLY A 270 -5.67 9.42 15.30
CA GLY A 270 -5.11 10.62 14.73
C GLY A 270 -3.71 10.95 15.18
N THR A 271 -3.17 10.17 16.11
CA THR A 271 -1.81 10.37 16.62
C THR A 271 -0.88 9.21 16.31
N HIS A 272 -1.37 7.97 16.44
CA HIS A 272 -0.48 6.82 16.25
C HIS A 272 -0.14 6.59 14.80
N THR A 273 -1.04 6.92 13.87
CA THR A 273 -0.80 6.73 12.45
C THR A 273 -1.43 7.87 11.67
N ASN A 274 -0.72 8.34 10.65
CA ASN A 274 -1.22 9.39 9.77
C ASN A 274 -2.21 8.82 8.78
N PRO A 275 -2.92 9.69 8.05
CA PRO A 275 -3.89 9.16 7.06
C PRO A 275 -3.23 8.30 6.00
N ALA A 276 -2.01 8.64 5.59
CA ALA A 276 -1.32 7.85 4.57
C ALA A 276 -1.16 6.40 4.98
N ALA A 277 -0.84 6.17 6.26
CA ALA A 277 -0.63 4.80 6.74
C ALA A 277 -1.94 4.02 6.79
N LEU A 278 -3.02 4.66 7.27
CA LEU A 278 -4.31 3.98 7.28
C LEU A 278 -4.75 3.65 5.86
N ARG A 279 -4.52 4.58 4.93
CA ARG A 279 -4.90 4.38 3.54
C ARG A 279 -4.07 3.26 2.89
N ILE A 280 -2.75 3.28 3.08
CA ILE A 280 -1.90 2.34 2.36
C ILE A 280 -2.17 0.92 2.84
N ALA A 281 -2.43 0.76 4.13
CA ALA A 281 -2.78 -0.56 4.66
C ALA A 281 -4.16 -0.99 4.19
N HIS A 282 -5.15 -0.10 4.29
CA HIS A 282 -6.50 -0.41 3.84
C HIS A 282 -6.51 -0.78 2.36
N ARG A 283 -5.67 -0.13 1.55
CA ARG A 283 -5.64 -0.44 0.12
C ARG A 283 -4.87 -1.70 -0.17
N ALA A 284 -3.80 -1.96 0.59
CA ALA A 284 -2.97 -3.13 0.38
C ALA A 284 -3.64 -4.41 0.86
N HIS A 285 -4.42 -4.34 1.92
CA HIS A 285 -4.97 -5.53 2.54
C HIS A 285 -6.21 -5.13 3.33
N PRO A 286 -7.32 -4.81 2.65
CA PRO A 286 -8.49 -4.30 3.37
C PRO A 286 -9.13 -5.32 4.29
N GLN A 287 -9.09 -6.62 3.93
CA GLN A 287 -9.80 -7.62 4.71
C GLN A 287 -9.19 -7.87 6.08
N GLY A 288 -7.92 -7.53 6.28
CA GLY A 288 -7.28 -7.80 7.56
C GLY A 288 -7.30 -6.68 8.57
N LEU A 289 -7.77 -5.49 8.18
CA LEU A 289 -7.65 -4.31 9.04
C LEU A 289 -8.62 -4.41 10.21
N VAL A 290 -8.09 -4.29 11.42
CA VAL A 290 -8.86 -4.36 12.66
C VAL A 290 -8.62 -3.05 13.39
N LEU A 291 -9.70 -2.31 13.65
CA LEU A 291 -9.58 -1.12 14.48
C LEU A 291 -9.54 -1.53 15.94
N VAL A 292 -8.54 -1.04 16.67
CA VAL A 292 -8.46 -1.18 18.12
C VAL A 292 -8.31 0.22 18.72
N THR A 293 -8.82 0.38 19.94
CA THR A 293 -8.63 1.65 20.63
C THR A 293 -7.24 1.76 21.24
N ASP A 294 -6.69 0.64 21.72
CA ASP A 294 -5.48 0.68 22.54
C ASP A 294 -5.67 1.65 23.70
N ALA A 295 -6.89 1.71 24.22
CA ALA A 295 -7.23 2.71 25.23
C ALA A 295 -6.50 2.44 26.54
N ILE A 296 -6.26 3.52 27.28
CA ILE A 296 -5.61 3.49 28.57
C ILE A 296 -6.59 4.03 29.60
N PRO A 297 -6.28 3.99 30.90
CA PRO A 297 -7.26 4.43 31.91
C PRO A 297 -7.82 5.84 31.71
N ALA A 298 -7.10 6.70 31.00
CA ALA A 298 -7.61 8.06 30.78
C ALA A 298 -8.76 8.10 29.79
N LEU A 299 -9.10 6.99 29.14
CA LEU A 299 -10.27 6.95 28.28
C LEU A 299 -11.49 7.45 29.04
N GLY A 300 -12.21 8.40 28.45
CA GLY A 300 -13.37 8.99 29.08
C GLY A 300 -13.06 10.07 30.09
N LEU A 301 -11.79 10.26 30.44
CA LEU A 301 -11.36 11.32 31.36
C LEU A 301 -10.65 12.46 30.66
N GLY A 302 -9.79 12.15 29.69
CA GLY A 302 -9.24 13.13 28.79
C GLY A 302 -7.99 13.86 29.25
N ASN A 303 -7.59 13.73 30.51
CA ASN A 303 -6.47 14.51 31.03
C ASN A 303 -6.00 13.91 32.35
N GLY A 304 -4.75 14.21 32.69
CA GLY A 304 -4.21 13.90 34.00
C GLY A 304 -3.18 12.78 33.97
N ARG A 305 -2.70 12.45 35.16
CA ARG A 305 -1.75 11.37 35.36
C ARG A 305 -2.51 10.08 35.64
N HIS A 306 -2.07 8.99 34.99
CA HIS A 306 -2.67 7.69 35.19
C HIS A 306 -1.57 6.65 35.18
N THR A 307 -1.96 5.39 35.30
CA THR A 307 -1.00 4.30 35.27
C THR A 307 -1.26 3.45 34.04
N LEU A 308 -0.22 2.76 33.62
CA LEU A 308 -0.32 1.72 32.60
C LEU A 308 0.62 0.62 33.08
N GLY A 309 0.06 -0.32 33.86
CA GLY A 309 0.89 -1.34 34.48
C GLY A 309 1.85 -0.70 35.47
N GLN A 310 3.14 -1.00 35.29
CA GLN A 310 4.17 -0.47 36.16
C GLN A 310 4.59 0.95 35.79
N GLN A 311 4.01 1.52 34.74
CA GLN A 311 4.42 2.82 34.24
C GLN A 311 3.42 3.89 34.66
N GLU A 312 3.91 5.11 34.77
CA GLU A 312 3.07 6.28 34.95
C GLU A 312 2.81 6.90 33.58
N VAL A 313 1.57 7.30 33.34
CA VAL A 313 1.16 7.86 32.06
C VAL A 313 0.65 9.27 32.28
N GLU A 314 1.03 10.17 31.37
CA GLU A 314 0.58 11.55 31.40
C GLU A 314 -0.13 11.87 30.08
N VAL A 315 -1.32 12.45 30.19
CA VAL A 315 -2.08 12.91 29.03
C VAL A 315 -1.78 14.40 28.86
N ASP A 316 -1.25 14.75 27.69
CA ASP A 316 -0.86 16.13 27.37
C ASP A 316 -1.64 16.53 26.13
N GLY A 317 -2.53 17.51 26.28
CA GLY A 317 -3.42 17.86 25.21
C GLY A 317 -4.38 16.71 24.94
N LEU A 318 -4.24 16.06 23.78
CA LEU A 318 -5.03 14.88 23.44
C LEU A 318 -4.15 13.65 23.27
N THR A 319 -2.92 13.67 23.78
CA THR A 319 -1.97 12.60 23.57
C THR A 319 -1.47 12.05 24.90
N ALA A 320 -1.41 10.72 24.98
CA ALA A 320 -0.96 10.01 26.17
C ALA A 320 0.49 9.61 25.98
N TYR A 321 1.34 9.99 26.94
CA TYR A 321 2.75 9.62 26.93
C TYR A 321 3.12 8.97 28.26
N VAL A 322 4.15 8.12 28.21
CA VAL A 322 4.81 7.72 29.46
C VAL A 322 5.28 8.98 30.16
N ALA A 323 4.97 9.09 31.45
CA ALA A 323 5.27 10.31 32.20
C ALA A 323 6.73 10.70 32.04
N GLY A 324 6.96 11.97 31.69
CA GLY A 324 8.30 12.50 31.56
C GLY A 324 8.98 12.24 30.24
N THR A 325 8.27 11.71 29.26
CA THR A 325 8.87 11.32 27.98
C THR A 325 7.94 11.74 26.85
N LYS A 326 8.40 11.52 25.62
CA LYS A 326 7.57 11.68 24.43
C LYS A 326 7.25 10.32 23.80
N THR A 327 7.23 9.28 24.62
CA THR A 327 6.89 7.94 24.17
C THR A 327 5.38 7.74 24.26
N LEU A 328 4.75 7.50 23.12
CA LEU A 328 3.33 7.24 23.09
C LEU A 328 2.99 6.06 24.00
N SER A 329 1.91 6.20 24.78
CA SER A 329 1.49 5.15 25.70
C SER A 329 -0.03 4.97 25.59
N GLY A 330 -0.47 4.47 24.45
CA GLY A 330 -1.88 4.17 24.28
C GLY A 330 -2.67 5.38 23.86
N SER A 331 -3.98 5.22 23.87
CA SER A 331 -4.88 6.21 23.28
C SER A 331 -6.01 6.55 24.23
N ILE A 332 -6.61 7.72 24.02
CA ILE A 332 -7.81 8.12 24.75
C ILE A 332 -9.01 8.26 23.80
N ALA A 333 -8.92 7.67 22.61
CA ALA A 333 -9.99 7.79 21.65
C ALA A 333 -10.91 6.58 21.76
N PRO A 334 -12.20 6.74 22.02
CA PRO A 334 -13.09 5.58 22.02
C PRO A 334 -13.28 5.01 20.63
N MET A 335 -13.86 3.82 20.60
CA MET A 335 -13.94 3.07 19.35
C MET A 335 -14.74 3.82 18.30
N ASP A 336 -15.85 4.45 18.70
CA ASP A 336 -16.66 5.14 17.70
C ASP A 336 -15.91 6.33 17.11
N VAL A 337 -15.06 6.97 17.92
CA VAL A 337 -14.19 8.02 17.40
C VAL A 337 -13.20 7.44 16.40
N CYS A 338 -12.63 6.26 16.71
CA CYS A 338 -11.70 5.62 15.79
C CYS A 338 -12.39 5.28 14.48
N VAL A 339 -13.63 4.78 14.55
CA VAL A 339 -14.37 4.45 13.35
C VAL A 339 -14.56 5.69 12.48
N ARG A 340 -14.95 6.80 13.10
CA ARG A 340 -15.21 8.02 12.32
C ARG A 340 -13.92 8.60 11.77
N HIS A 341 -12.83 8.50 12.54
CA HIS A 341 -11.55 8.98 12.04
C HIS A 341 -11.06 8.13 10.87
N PHE A 342 -11.14 6.81 11.03
CA PHE A 342 -10.75 5.92 9.95
C PHE A 342 -11.54 6.20 8.69
N LEU A 343 -12.84 6.42 8.83
CA LEU A 343 -13.70 6.77 7.70
C LEU A 343 -13.22 8.05 7.04
N GLN A 344 -13.00 9.11 7.83
CA GLN A 344 -12.62 10.40 7.28
C GLN A 344 -11.22 10.34 6.68
N ALA A 345 -10.30 9.64 7.34
CA ALA A 345 -8.91 9.67 6.90
C ALA A 345 -8.70 8.88 5.62
N THR A 346 -9.40 7.75 5.46
CA THR A 346 -9.19 6.90 4.30
C THR A 346 -10.10 7.21 3.12
N GLY A 347 -11.24 7.87 3.37
CA GLY A 347 -12.24 8.01 2.33
C GLY A 347 -12.92 6.71 1.97
N CYS A 348 -12.83 5.70 2.82
CA CYS A 348 -13.46 4.42 2.55
C CYS A 348 -14.96 4.54 2.70
N SER A 349 -15.67 3.45 2.38
CA SER A 349 -17.10 3.42 2.56
C SER A 349 -17.45 3.28 4.04
N MET A 350 -18.65 3.72 4.39
CA MET A 350 -19.17 3.49 5.73
C MET A 350 -19.11 2.01 6.07
N GLU A 351 -19.44 1.15 5.10
CA GLU A 351 -19.42 -0.29 5.36
C GLU A 351 -18.03 -0.79 5.73
N SER A 352 -16.99 -0.32 5.02
CA SER A 352 -15.63 -0.77 5.31
C SER A 352 -15.20 -0.32 6.71
N ALA A 353 -15.58 0.91 7.10
CA ALA A 353 -15.21 1.39 8.43
C ALA A 353 -15.90 0.56 9.51
N LEU A 354 -17.18 0.22 9.31
CA LEU A 354 -17.91 -0.54 10.30
C LEU A 354 -17.40 -1.97 10.37
N GLU A 355 -17.04 -2.55 9.22
CA GLU A 355 -16.49 -3.90 9.21
C GLU A 355 -15.12 -3.97 9.90
N ALA A 356 -14.31 -2.92 9.78
CA ALA A 356 -13.00 -2.94 10.44
C ALA A 356 -13.13 -2.96 11.96
N ALA A 357 -14.25 -2.49 12.51
CA ALA A 357 -14.46 -2.41 13.94
C ALA A 357 -15.27 -3.55 14.51
N SER A 358 -15.68 -4.52 13.69
CA SER A 358 -16.57 -5.57 14.17
C SER A 358 -16.36 -6.87 13.41
N LEU A 359 -16.76 -6.91 12.14
CA LEU A 359 -16.60 -8.12 11.34
C LEU A 359 -15.16 -8.64 11.41
N HIS A 360 -14.20 -7.76 11.14
CA HIS A 360 -12.80 -8.23 11.06
C HIS A 360 -12.29 -8.76 12.39
N PRO A 361 -12.45 -8.08 13.52
CA PRO A 361 -12.02 -8.69 14.79
C PRO A 361 -12.74 -9.98 15.08
N ALA A 362 -14.03 -10.09 14.74
CA ALA A 362 -14.75 -11.34 14.92
C ALA A 362 -14.10 -12.46 14.13
N GLN A 363 -13.75 -12.19 12.86
CA GLN A 363 -13.11 -13.21 12.03
C GLN A 363 -11.75 -13.62 12.60
N LEU A 364 -10.97 -12.65 13.05
CA LEU A 364 -9.70 -12.95 13.71
C LEU A 364 -9.88 -13.99 14.79
N LEU A 365 -10.91 -13.83 15.61
CA LEU A 365 -11.11 -14.69 16.78
C LEU A 365 -11.99 -15.88 16.48
N GLY A 366 -12.36 -16.08 15.22
CA GLY A 366 -13.17 -17.22 14.84
C GLY A 366 -14.61 -17.15 15.29
N LEU A 367 -15.13 -15.95 15.54
CA LEU A 367 -16.46 -15.73 16.09
C LEU A 367 -17.44 -15.22 15.04
N GLU A 368 -17.07 -15.26 13.76
CA GLU A 368 -17.81 -14.56 12.72
C GLU A 368 -19.20 -15.11 12.50
N LYS A 369 -19.53 -16.27 13.06
CA LYS A 369 -20.87 -16.81 12.96
C LYS A 369 -21.78 -16.34 14.08
N SER A 370 -21.23 -15.78 15.16
CA SER A 370 -22.03 -15.29 16.26
C SER A 370 -21.86 -13.80 16.54
N LYS A 371 -20.70 -13.23 16.21
CA LYS A 371 -20.43 -11.82 16.43
C LYS A 371 -19.97 -11.19 15.12
N GLY A 372 -19.99 -9.86 15.11
CA GLY A 372 -19.45 -9.10 14.00
C GLY A 372 -20.29 -9.07 12.73
N THR A 373 -21.48 -9.68 12.74
CA THR A 373 -22.33 -9.67 11.56
C THR A 373 -23.79 -9.54 11.98
N LEU A 374 -24.61 -9.12 11.01
CA LEU A 374 -26.06 -9.22 11.12
C LEU A 374 -26.60 -10.37 10.29
N ASP A 375 -25.82 -11.42 10.11
CA ASP A 375 -26.27 -12.60 9.39
C ASP A 375 -27.24 -13.41 10.24
N PHE A 376 -28.11 -14.15 9.55
CA PHE A 376 -29.07 -15.01 10.23
C PHE A 376 -28.34 -15.97 11.17
N GLY A 377 -28.88 -16.12 12.38
CA GLY A 377 -28.29 -16.99 13.36
C GLY A 377 -27.25 -16.34 14.24
N ALA A 378 -26.77 -15.15 13.87
CA ALA A 378 -25.77 -14.47 14.68
C ALA A 378 -26.41 -13.83 15.90
N ASP A 379 -25.58 -13.51 16.90
CA ASP A 379 -26.07 -12.81 18.07
C ASP A 379 -26.49 -11.41 17.69
N ALA A 380 -27.62 -10.98 18.25
CA ALA A 380 -28.18 -9.66 17.97
C ALA A 380 -27.49 -8.58 18.82
N ASP A 381 -26.18 -8.43 18.60
CA ASP A 381 -25.41 -7.35 19.17
C ASP A 381 -25.20 -6.32 18.07
N PHE A 382 -25.79 -5.14 18.24
CA PHE A 382 -25.73 -4.15 17.17
C PHE A 382 -25.87 -2.76 17.75
N VAL A 383 -25.50 -1.78 16.94
CA VAL A 383 -25.57 -0.38 17.31
C VAL A 383 -26.46 0.34 16.32
N VAL A 384 -27.15 1.37 16.81
CA VAL A 384 -27.95 2.26 15.99
C VAL A 384 -27.11 3.50 15.73
N LEU A 385 -26.93 3.84 14.47
CA LEU A 385 -26.03 4.92 14.07
C LEU A 385 -26.78 5.90 13.21
N ASP A 386 -26.40 7.17 13.32
CA ASP A 386 -26.84 8.17 12.37
C ASP A 386 -25.88 8.14 11.17
N ASP A 387 -26.13 9.02 10.19
CA ASP A 387 -25.38 8.95 8.95
C ASP A 387 -23.93 9.39 9.10
N SER A 388 -23.57 10.02 10.22
CA SER A 388 -22.18 10.33 10.52
C SER A 388 -21.51 9.24 11.35
N LEU A 389 -22.21 8.15 11.64
CA LEU A 389 -21.70 7.06 12.46
C LEU A 389 -21.45 7.50 13.90
N HIS A 390 -22.33 8.35 14.43
CA HIS A 390 -22.47 8.54 15.86
C HIS A 390 -23.44 7.52 16.43
N VAL A 391 -23.07 6.94 17.56
CA VAL A 391 -23.85 5.87 18.18
C VAL A 391 -25.02 6.48 18.93
N GLN A 392 -26.23 6.06 18.57
CA GLN A 392 -27.45 6.53 19.23
C GLN A 392 -28.03 5.50 20.19
N ALA A 393 -27.68 4.23 20.00
CA ALA A 393 -28.17 3.17 20.88
C ALA A 393 -27.31 1.94 20.67
N THR A 394 -27.26 1.09 21.70
CA THR A 394 -26.50 -0.15 21.66
C THR A 394 -27.38 -1.28 22.17
N TYR A 395 -27.38 -2.39 21.44
CA TYR A 395 -28.16 -3.58 21.78
C TYR A 395 -27.23 -4.77 21.93
N ILE A 396 -27.52 -5.60 22.93
CA ILE A 396 -26.86 -6.89 23.12
C ILE A 396 -27.95 -7.94 23.31
N SER A 397 -27.86 -9.06 22.59
CA SER A 397 -28.87 -10.12 22.65
C SER A 397 -30.26 -9.57 22.36
N GLY A 398 -30.34 -8.62 21.45
CA GLY A 398 -31.61 -8.01 21.07
C GLY A 398 -32.19 -7.07 22.09
N GLU A 399 -31.46 -6.76 23.16
CA GLU A 399 -31.97 -5.96 24.26
C GLU A 399 -31.26 -4.62 24.30
N LEU A 400 -32.02 -3.55 24.47
CA LEU A 400 -31.42 -2.22 24.56
C LEU A 400 -30.62 -2.10 25.85
N VAL A 401 -29.31 -1.89 25.72
CA VAL A 401 -28.42 -1.78 26.87
C VAL A 401 -27.79 -0.41 27.02
N TRP A 402 -27.90 0.46 26.02
CA TRP A 402 -27.48 1.84 26.20
C TRP A 402 -28.19 2.70 25.18
N GLN A 403 -28.55 3.92 25.59
CA GLN A 403 -29.23 4.87 24.74
C GLN A 403 -28.70 6.26 25.01
N ALA A 404 -28.40 7.00 23.95
CA ALA A 404 -27.93 8.36 24.11
C ALA A 404 -29.04 9.21 24.75
N ASP A 405 -28.67 10.43 25.14
CA ASP A 405 -29.64 11.35 25.72
C ASP A 405 -29.18 12.79 25.50
N ALA B 10 -0.50 2.66 -48.17
CA ALA B 10 -1.97 2.58 -48.13
C ALA B 10 -2.44 1.15 -47.91
N ARG B 11 -1.51 0.22 -47.70
CA ARG B 11 -1.91 -1.17 -47.53
C ARG B 11 -2.60 -1.37 -46.18
N VAL B 12 -3.60 -2.24 -46.18
CA VAL B 12 -4.32 -2.61 -44.96
C VAL B 12 -3.76 -3.93 -44.48
N LEU B 13 -3.25 -3.95 -43.25
CA LEU B 13 -2.73 -5.14 -42.61
C LEU B 13 -3.76 -5.62 -41.59
N GLN B 14 -4.00 -6.92 -41.57
CA GLN B 14 -4.94 -7.51 -40.61
C GLN B 14 -4.23 -8.61 -39.82
N PHE B 15 -4.08 -8.40 -38.53
CA PHE B 15 -3.52 -9.41 -37.63
C PHE B 15 -4.66 -10.24 -37.07
N THR B 16 -4.59 -11.54 -37.26
CA THR B 16 -5.66 -12.47 -36.92
C THR B 16 -5.18 -13.44 -35.86
N ASN B 17 -6.13 -14.22 -35.33
CA ASN B 17 -5.81 -15.25 -34.35
C ASN B 17 -4.92 -14.69 -33.24
N CYS B 18 -5.38 -13.59 -32.65
CA CYS B 18 -4.61 -12.87 -31.66
C CYS B 18 -5.52 -12.38 -30.55
N ARG B 19 -4.91 -12.13 -29.40
CA ARG B 19 -5.53 -11.39 -28.31
C ARG B 19 -4.86 -10.02 -28.26
N ILE B 20 -5.66 -8.96 -28.22
CA ILE B 20 -5.12 -7.62 -28.25
C ILE B 20 -5.48 -6.92 -26.94
N LEU B 21 -4.56 -6.13 -26.43
CA LEU B 21 -4.80 -5.34 -25.22
C LEU B 21 -5.52 -4.07 -25.64
N ARG B 22 -6.80 -3.97 -25.27
CA ARG B 22 -7.61 -2.81 -25.61
C ARG B 22 -8.55 -2.55 -24.44
N GLY B 23 -8.59 -1.31 -23.96
CA GLY B 23 -9.49 -0.95 -22.88
C GLY B 23 -9.25 -1.71 -21.59
N GLY B 24 -7.99 -2.00 -21.26
CA GLY B 24 -7.65 -2.71 -20.04
C GLY B 24 -7.89 -4.20 -20.08
N LYS B 25 -8.26 -4.75 -21.25
CA LYS B 25 -8.61 -6.16 -21.37
C LYS B 25 -7.88 -6.76 -22.55
N LEU B 26 -7.61 -8.06 -22.47
CA LEU B 26 -7.16 -8.84 -23.61
C LEU B 26 -8.38 -9.39 -24.33
N LEU B 27 -8.61 -8.90 -25.55
CA LEU B 27 -9.76 -9.30 -26.34
C LEU B 27 -9.31 -10.20 -27.49
N ARG B 28 -10.06 -11.27 -27.74
CA ARG B 28 -9.85 -12.04 -28.97
C ARG B 28 -10.52 -11.28 -30.10
N GLU B 29 -9.78 -10.32 -30.63
CA GLU B 29 -10.21 -9.49 -31.72
C GLU B 29 -9.01 -9.23 -32.60
N ASP B 30 -9.26 -9.09 -33.89
CA ASP B 30 -8.19 -8.80 -34.83
C ASP B 30 -7.71 -7.37 -34.66
N LEU B 31 -6.47 -7.15 -35.08
CA LEU B 31 -5.88 -5.82 -35.11
C LEU B 31 -5.68 -5.42 -36.56
N TRP B 32 -6.24 -4.28 -36.94
CA TRP B 32 -6.11 -3.76 -38.30
C TRP B 32 -5.20 -2.54 -38.29
N VAL B 33 -4.38 -2.42 -39.34
CA VAL B 33 -3.40 -1.35 -39.44
C VAL B 33 -3.42 -0.77 -40.85
N ARG B 34 -3.31 0.56 -40.94
CA ARG B 34 -3.11 1.21 -42.22
C ARG B 34 -2.40 2.54 -42.00
N GLY B 35 -1.45 2.83 -42.89
CA GLY B 35 -0.71 4.09 -42.83
C GLY B 35 0.04 4.30 -41.53
N GLY B 36 0.52 3.22 -40.91
CA GLY B 36 1.26 3.34 -39.67
C GLY B 36 0.40 3.53 -38.45
N ARG B 37 -0.92 3.48 -38.60
CA ARG B 37 -1.84 3.74 -37.52
C ARG B 37 -2.80 2.59 -37.36
N ILE B 38 -3.38 2.48 -36.15
CA ILE B 38 -4.37 1.45 -35.88
C ILE B 38 -5.65 1.84 -36.60
N LEU B 39 -6.24 0.89 -37.31
CA LEU B 39 -7.41 1.16 -38.15
C LEU B 39 -8.65 0.54 -37.53
N ASP B 40 -9.74 1.30 -37.55
CA ASP B 40 -11.07 0.78 -37.24
C ASP B 40 -11.54 0.02 -38.49
N PRO B 41 -11.68 -1.31 -38.43
CA PRO B 41 -12.07 -2.05 -39.66
C PRO B 41 -13.42 -1.61 -40.21
N GLU B 42 -14.31 -1.10 -39.36
CA GLU B 42 -15.61 -0.65 -39.84
C GLU B 42 -15.47 0.53 -40.81
N LYS B 43 -14.39 1.31 -40.68
CA LYS B 43 -14.16 2.40 -41.62
C LYS B 43 -14.05 1.88 -43.06
N LEU B 44 -13.59 0.64 -43.24
CA LEU B 44 -13.46 0.06 -44.57
C LEU B 44 -14.81 -0.10 -45.26
N PHE B 45 -15.89 -0.17 -44.49
CA PHE B 45 -17.22 -0.25 -45.10
C PHE B 45 -17.52 1.01 -45.88
N PHE B 46 -16.84 2.10 -45.57
CA PHE B 46 -17.02 3.36 -46.27
C PHE B 46 -16.00 3.53 -47.40
N GLU B 47 -15.23 2.51 -47.71
CA GLU B 47 -14.24 2.54 -48.77
C GLU B 47 -14.53 1.45 -49.79
N GLU B 48 -13.70 1.41 -50.83
CA GLU B 48 -13.98 0.53 -51.96
C GLU B 48 -13.60 -0.92 -51.65
N ARG B 49 -12.60 -1.11 -50.81
CA ARG B 49 -12.03 -2.41 -50.51
C ARG B 49 -12.33 -2.70 -49.04
N ARG B 50 -12.97 -3.83 -48.77
CA ARG B 50 -13.30 -4.20 -47.40
C ARG B 50 -12.43 -5.33 -46.87
N VAL B 51 -11.47 -5.80 -47.66
CA VAL B 51 -10.60 -6.87 -47.22
C VAL B 51 -9.19 -6.34 -47.01
N ALA B 52 -8.44 -7.00 -46.13
CA ALA B 52 -7.05 -6.66 -45.89
C ALA B 52 -6.21 -7.00 -47.12
N ASP B 53 -5.16 -6.21 -47.35
CA ASP B 53 -4.19 -6.56 -48.40
C ASP B 53 -3.31 -7.71 -47.96
N GLU B 54 -3.09 -7.87 -46.66
CA GLU B 54 -2.29 -8.96 -46.13
C GLU B 54 -2.85 -9.35 -44.77
N ARG B 55 -2.90 -10.65 -44.51
CA ARG B 55 -3.34 -11.19 -43.23
C ARG B 55 -2.15 -11.85 -42.57
N ARG B 56 -2.04 -11.68 -41.24
CA ARG B 56 -0.94 -12.28 -40.49
C ARG B 56 -1.51 -13.02 -39.30
N ASP B 57 -1.41 -14.34 -39.35
CA ASP B 57 -1.89 -15.21 -38.28
C ASP B 57 -0.89 -15.15 -37.13
N CYS B 58 -1.35 -14.75 -35.95
CA CYS B 58 -0.47 -14.53 -34.82
C CYS B 58 -0.38 -15.74 -33.89
N GLY B 59 -0.98 -16.86 -34.29
CA GLY B 59 -0.85 -18.09 -33.51
C GLY B 59 -1.38 -17.98 -32.10
N GLY B 60 -2.41 -17.17 -31.87
CA GLY B 60 -2.99 -17.03 -30.56
C GLY B 60 -2.22 -16.14 -29.61
N ARG B 61 -1.15 -15.50 -30.08
CA ARG B 61 -0.32 -14.68 -29.22
C ARG B 61 -0.99 -13.35 -28.91
N ILE B 62 -0.35 -12.60 -28.03
CA ILE B 62 -0.87 -11.35 -27.51
C ILE B 62 -0.23 -10.20 -28.27
N LEU B 63 -1.03 -9.23 -28.67
CA LEU B 63 -0.54 -7.96 -29.19
C LEU B 63 -0.81 -6.87 -28.17
N ALA B 64 0.22 -6.11 -27.84
CA ALA B 64 0.12 -5.06 -26.84
C ALA B 64 0.89 -3.85 -27.33
N PRO B 65 0.51 -2.64 -26.89
CA PRO B 65 1.25 -1.45 -27.31
C PRO B 65 2.73 -1.55 -26.95
N GLY B 66 3.57 -1.02 -27.84
CA GLY B 66 5.00 -1.08 -27.62
C GLY B 66 5.40 -0.37 -26.35
N PHE B 67 6.41 -0.91 -25.69
CA PHE B 67 6.84 -0.35 -24.41
C PHE B 67 7.47 1.04 -24.60
N ILE B 68 7.29 1.87 -23.58
CA ILE B 68 7.80 3.23 -23.55
C ILE B 68 8.64 3.38 -22.29
N ASP B 69 9.93 3.65 -22.45
CA ASP B 69 10.90 3.74 -21.35
C ASP B 69 11.29 5.21 -21.17
N VAL B 70 10.79 5.85 -20.12
CA VAL B 70 11.01 7.28 -19.95
C VAL B 70 12.21 7.58 -19.05
N GLN B 71 12.97 6.56 -18.65
CA GLN B 71 14.20 6.81 -17.90
C GLN B 71 15.22 5.73 -18.24
N ILE B 72 16.12 6.05 -19.17
CA ILE B 72 17.20 5.16 -19.58
C ILE B 72 18.41 6.03 -19.91
N ASN B 73 19.53 5.78 -19.22
CA ASN B 73 20.71 6.64 -19.28
C ASN B 73 21.70 6.23 -20.37
N GLY B 74 21.43 5.13 -21.06
CA GLY B 74 22.34 4.61 -22.04
C GLY B 74 22.21 3.10 -22.09
N GLY B 75 23.25 2.47 -22.61
CA GLY B 75 23.29 1.03 -22.64
C GLY B 75 24.20 0.52 -23.72
N PHE B 76 24.63 -0.73 -23.53
CA PHE B 76 25.44 -1.42 -24.53
C PHE B 76 26.70 -0.63 -24.86
N GLY B 77 27.29 -0.01 -23.84
CA GLY B 77 28.49 0.77 -24.00
C GLY B 77 28.25 2.24 -24.27
N VAL B 78 27.01 2.65 -24.49
CA VAL B 78 26.69 4.04 -24.80
C VAL B 78 26.27 4.73 -23.50
N ASP B 79 26.86 5.90 -23.26
CA ASP B 79 26.52 6.75 -22.11
C ASP B 79 25.99 8.06 -22.66
N PHE B 80 24.69 8.30 -22.52
CA PHE B 80 24.10 9.51 -23.09
C PHE B 80 24.68 10.78 -22.45
N SER B 81 25.20 10.67 -21.24
CA SER B 81 25.71 11.82 -20.51
C SER B 81 27.18 12.10 -20.81
N GLN B 82 27.66 11.74 -22.01
CA GLN B 82 29.01 12.03 -22.45
C GLN B 82 28.92 12.84 -23.73
N ALA B 83 29.68 13.93 -23.81
CA ALA B 83 29.75 14.75 -25.01
C ALA B 83 30.79 14.15 -25.95
N THR B 84 30.40 13.07 -26.61
CA THR B 84 31.27 12.39 -27.55
C THR B 84 31.13 13.01 -28.94
N GLU B 85 31.98 12.55 -29.86
CA GLU B 85 32.00 13.13 -31.20
C GLU B 85 30.77 12.75 -32.01
N ASP B 86 30.10 11.64 -31.66
CA ASP B 86 28.91 11.20 -32.38
C ASP B 86 27.84 10.78 -31.35
N VAL B 87 27.26 11.79 -30.70
CA VAL B 87 26.17 11.54 -29.76
C VAL B 87 25.04 10.80 -30.46
N GLY B 88 24.66 11.26 -31.65
CA GLY B 88 23.51 10.68 -32.33
C GLY B 88 23.69 9.21 -32.64
N SER B 89 24.90 8.80 -33.00
CA SER B 89 25.14 7.40 -33.31
C SER B 89 24.92 6.51 -32.09
N GLY B 90 25.34 6.99 -30.91
CA GLY B 90 25.12 6.21 -29.70
C GLY B 90 23.65 6.05 -29.39
N VAL B 91 22.89 7.14 -29.48
CA VAL B 91 21.44 7.07 -29.27
C VAL B 91 20.81 6.08 -30.25
N ALA B 92 21.24 6.11 -31.51
CA ALA B 92 20.69 5.21 -32.52
C ALA B 92 21.00 3.77 -32.17
N LEU B 93 22.22 3.50 -31.72
CA LEU B 93 22.60 2.15 -31.30
C LEU B 93 21.66 1.63 -30.22
N VAL B 94 21.48 2.41 -29.16
CA VAL B 94 20.56 2.02 -28.10
C VAL B 94 19.15 1.87 -28.67
N ALA B 95 18.71 2.86 -29.46
CA ALA B 95 17.38 2.80 -30.07
C ALA B 95 17.19 1.51 -30.87
N ARG B 96 18.23 1.09 -31.57
CA ARG B 96 18.15 -0.12 -32.38
C ARG B 96 18.03 -1.35 -31.49
N ARG B 97 18.90 -1.45 -30.48
CA ARG B 97 18.96 -2.68 -29.69
C ARG B 97 17.73 -2.86 -28.82
N ILE B 98 17.12 -1.78 -28.32
CA ILE B 98 16.00 -1.96 -27.40
C ILE B 98 14.73 -2.40 -28.11
N LEU B 99 14.71 -2.38 -29.44
CA LEU B 99 13.61 -3.03 -30.15
C LEU B 99 13.46 -4.48 -29.73
N SER B 100 14.58 -5.16 -29.50
CA SER B 100 14.55 -6.56 -29.07
C SER B 100 14.05 -6.71 -27.64
N HIS B 101 13.93 -5.61 -26.90
CA HIS B 101 13.34 -5.61 -25.56
C HIS B 101 11.87 -5.18 -25.58
N GLY B 102 11.29 -4.99 -26.76
CA GLY B 102 9.91 -4.56 -26.87
C GLY B 102 9.70 -3.07 -26.76
N VAL B 103 10.75 -2.27 -26.71
CA VAL B 103 10.64 -0.83 -26.54
C VAL B 103 10.56 -0.16 -27.90
N THR B 104 9.51 0.63 -28.11
CA THR B 104 9.32 1.35 -29.37
C THR B 104 9.39 2.86 -29.21
N SER B 105 9.43 3.38 -27.98
CA SER B 105 9.70 4.79 -27.71
C SER B 105 10.48 4.88 -26.41
N PHE B 106 11.31 5.92 -26.29
CA PHE B 106 12.03 6.11 -25.04
C PHE B 106 12.48 7.55 -24.92
N CYS B 107 12.86 7.93 -23.70
CA CYS B 107 13.42 9.24 -23.41
C CYS B 107 14.88 9.07 -23.00
N PRO B 108 15.84 9.30 -23.89
CA PRO B 108 17.24 9.29 -23.45
C PRO B 108 17.40 10.20 -22.25
N THR B 109 18.06 9.68 -21.21
CA THR B 109 18.16 10.38 -19.94
C THR B 109 19.61 10.75 -19.66
N LEU B 110 19.81 11.98 -19.19
CA LEU B 110 21.11 12.48 -18.82
C LEU B 110 21.13 12.70 -17.32
N VAL B 111 22.22 12.30 -16.67
CA VAL B 111 22.37 12.49 -15.23
C VAL B 111 23.12 13.78 -14.98
N THR B 112 23.15 14.18 -13.71
CA THR B 112 23.84 15.39 -13.27
C THR B 112 25.21 15.53 -13.94
N SER B 113 25.40 16.63 -14.65
CA SER B 113 26.57 16.89 -15.47
C SER B 113 26.92 18.36 -15.39
N PRO B 114 28.13 18.72 -15.80
CA PRO B 114 28.46 20.15 -15.91
C PRO B 114 27.67 20.79 -17.04
N PRO B 115 27.37 22.08 -16.96
CA PRO B 115 26.56 22.72 -18.01
C PRO B 115 27.12 22.50 -19.42
N GLU B 116 28.44 22.40 -19.56
CA GLU B 116 29.03 22.24 -20.89
C GLU B 116 28.58 20.96 -21.56
N VAL B 117 28.31 19.91 -20.79
CA VAL B 117 27.81 18.66 -21.37
C VAL B 117 26.41 18.86 -21.93
N TYR B 118 25.52 19.49 -21.17
CA TYR B 118 24.16 19.72 -21.67
C TYR B 118 24.18 20.54 -22.95
N HIS B 119 24.98 21.61 -22.96
CA HIS B 119 25.01 22.50 -24.12
C HIS B 119 25.41 21.76 -25.38
N LYS B 120 26.30 20.78 -25.27
CA LYS B 120 26.72 20.02 -26.44
C LYS B 120 25.76 18.88 -26.75
N VAL B 121 25.31 18.15 -25.73
CA VAL B 121 24.57 16.91 -25.96
C VAL B 121 23.10 17.19 -26.29
N VAL B 122 22.46 18.11 -25.56
CA VAL B 122 21.01 18.30 -25.72
C VAL B 122 20.63 18.56 -27.17
N PRO B 123 21.28 19.48 -27.90
CA PRO B 123 20.88 19.72 -29.30
C PRO B 123 21.10 18.52 -30.22
N GLN B 124 21.88 17.53 -29.81
CA GLN B 124 22.15 16.37 -30.67
C GLN B 124 21.19 15.21 -30.43
N ILE B 125 20.24 15.34 -29.52
CA ILE B 125 19.29 14.28 -29.23
C ILE B 125 17.88 14.85 -29.34
N PRO B 126 17.41 15.17 -30.55
CA PRO B 126 16.07 15.72 -30.71
C PRO B 126 15.01 14.62 -30.76
N VAL B 127 13.75 15.05 -30.66
CA VAL B 127 12.65 14.14 -30.88
C VAL B 127 12.81 13.53 -32.27
N LYS B 128 12.53 12.23 -32.38
CA LYS B 128 12.70 11.51 -33.63
C LYS B 128 11.74 10.33 -33.64
N SER B 129 11.02 10.15 -34.75
CA SER B 129 10.06 9.07 -34.84
C SER B 129 10.78 7.72 -34.92
N GLY B 130 10.10 6.68 -34.43
CA GLY B 130 10.64 5.34 -34.49
C GLY B 130 10.57 4.76 -35.90
N GLY B 131 11.26 3.64 -36.07
CA GLY B 131 11.25 2.95 -37.34
C GLY B 131 12.21 1.78 -37.36
N PRO B 132 12.57 1.30 -38.55
CA PRO B 132 13.53 0.18 -38.63
C PRO B 132 14.87 0.49 -38.00
N HIS B 133 15.24 1.77 -37.89
CA HIS B 133 16.51 2.17 -37.33
C HIS B 133 16.49 2.28 -35.82
N GLY B 134 15.34 2.06 -35.19
CA GLY B 134 15.28 2.01 -33.74
C GLY B 134 14.05 2.64 -33.14
N ALA B 135 13.92 2.46 -31.83
CA ALA B 135 12.81 3.05 -31.09
C ALA B 135 12.82 4.56 -31.26
N GLY B 136 11.63 5.14 -31.24
CA GLY B 136 11.52 6.58 -31.36
C GLY B 136 11.99 7.29 -30.10
N VAL B 137 12.53 8.49 -30.29
CA VAL B 137 12.96 9.34 -29.20
C VAL B 137 11.85 10.35 -28.93
N LEU B 138 11.27 10.29 -27.75
CA LEU B 138 10.19 11.19 -27.35
C LEU B 138 10.68 12.52 -26.78
N GLY B 139 11.99 12.68 -26.63
CA GLY B 139 12.55 13.82 -25.96
C GLY B 139 13.41 13.40 -24.78
N LEU B 140 14.15 14.37 -24.26
CA LEU B 140 15.13 14.07 -23.22
C LEU B 140 14.49 14.09 -21.85
N HIS B 141 15.01 13.23 -20.97
CA HIS B 141 14.76 13.28 -19.53
C HIS B 141 16.07 13.75 -18.89
N LEU B 142 16.04 14.93 -18.28
CA LEU B 142 17.20 15.47 -17.59
C LEU B 142 17.02 15.21 -16.10
N GLU B 143 17.78 14.26 -15.55
CA GLU B 143 17.67 13.89 -14.15
C GLU B 143 18.79 14.58 -13.38
N GLY B 144 18.44 15.61 -12.61
CA GLY B 144 19.44 16.49 -12.05
C GLY B 144 19.77 17.56 -13.07
N PRO B 145 20.63 18.52 -12.69
CA PRO B 145 21.43 18.57 -11.45
C PRO B 145 20.74 19.23 -10.26
N PHE B 146 19.48 19.61 -10.40
CA PHE B 146 18.78 20.37 -9.36
C PHE B 146 18.09 19.41 -8.41
N ILE B 147 18.90 18.67 -7.67
CA ILE B 147 18.45 17.63 -6.75
C ILE B 147 19.23 17.78 -5.45
N SER B 148 18.80 17.01 -4.45
CA SER B 148 19.33 17.13 -3.11
C SER B 148 20.70 16.47 -2.96
N ARG B 149 21.56 17.08 -2.16
CA ARG B 149 22.84 16.46 -1.82
C ARG B 149 22.62 15.19 -1.00
N GLU B 150 21.65 15.24 -0.07
CA GLU B 150 21.40 14.11 0.82
C GLU B 150 20.98 12.87 0.05
N LYS B 151 20.28 13.05 -1.07
CA LYS B 151 19.75 11.94 -1.86
C LYS B 151 20.29 11.95 -3.29
N ARG B 152 21.53 12.36 -3.48
CA ARG B 152 22.09 12.43 -4.82
C ARG B 152 22.34 11.05 -5.42
N GLY B 153 22.39 10.02 -4.59
CA GLY B 153 22.63 8.67 -5.08
C GLY B 153 23.92 8.60 -5.87
N ALA B 154 23.83 8.13 -7.11
CA ALA B 154 25.01 8.02 -7.98
C ALA B 154 25.37 9.33 -8.67
N HIS B 155 24.64 10.39 -8.41
CA HIS B 155 24.96 11.67 -9.03
C HIS B 155 26.11 12.34 -8.28
N PRO B 156 27.09 12.91 -8.99
CA PRO B 156 28.28 13.43 -8.31
C PRO B 156 27.99 14.73 -7.57
N GLU B 157 28.43 14.79 -6.31
CA GLU B 157 28.21 15.98 -5.50
C GLU B 157 28.76 17.21 -6.20
N ALA B 158 29.89 17.07 -6.91
CA ALA B 158 30.58 18.22 -7.46
C ALA B 158 29.73 19.02 -8.45
N HIS B 159 28.70 18.40 -9.05
CA HIS B 159 27.94 19.05 -10.11
C HIS B 159 26.47 19.30 -9.75
N LEU B 160 26.09 19.19 -8.49
CA LEU B 160 24.76 19.61 -8.08
C LEU B 160 24.63 21.13 -8.19
N ARG B 161 23.39 21.59 -8.35
CA ARG B 161 23.11 23.01 -8.50
C ARG B 161 21.81 23.36 -7.78
N SER B 162 21.58 24.65 -7.56
CA SER B 162 20.37 25.15 -6.91
C SER B 162 19.76 26.27 -7.74
N PHE B 163 18.57 26.70 -7.32
CA PHE B 163 17.75 27.66 -8.06
C PHE B 163 17.79 29.07 -7.51
N GLU B 164 18.26 29.26 -6.27
CA GLU B 164 17.90 30.47 -5.53
C GLU B 164 18.27 31.75 -6.28
N ALA B 165 19.33 31.72 -7.09
CA ALA B 165 19.81 32.93 -7.74
C ALA B 165 18.73 33.56 -8.62
N ASP B 166 18.40 32.91 -9.74
CA ASP B 166 17.40 33.46 -10.65
C ASP B 166 16.52 32.36 -11.22
N ALA B 167 16.33 31.28 -10.47
CA ALA B 167 15.30 30.27 -10.76
C ALA B 167 15.38 29.75 -12.20
N PHE B 168 14.33 29.98 -12.99
CA PHE B 168 14.25 29.36 -14.31
C PHE B 168 15.38 29.79 -15.22
N GLN B 169 15.85 31.03 -15.09
CA GLN B 169 16.98 31.47 -15.90
C GLN B 169 18.24 30.69 -15.52
N ASP B 170 18.40 30.41 -14.23
CA ASP B 170 19.48 29.54 -13.77
C ASP B 170 19.38 28.17 -14.42
N LEU B 171 18.16 27.66 -14.57
CA LEU B 171 17.96 26.36 -15.22
C LEU B 171 18.28 26.44 -16.70
N LEU B 172 17.87 27.53 -17.36
CA LEU B 172 18.18 27.69 -18.78
C LEU B 172 19.68 27.78 -19.02
N ALA B 173 20.38 28.52 -18.17
CA ALA B 173 21.83 28.65 -18.31
C ALA B 173 22.52 27.30 -18.13
N THR B 174 21.95 26.43 -17.31
CA THR B 174 22.58 25.13 -17.04
C THR B 174 22.40 24.18 -18.21
N TYR B 175 21.16 24.00 -18.66
CA TYR B 175 20.82 23.03 -19.69
C TYR B 175 21.03 23.56 -21.10
N GLY B 176 20.96 24.87 -21.30
CA GLY B 176 20.87 25.42 -22.63
C GLY B 176 19.43 25.31 -23.10
N PRO B 177 19.19 25.63 -24.38
CA PRO B 177 17.82 25.58 -24.90
C PRO B 177 17.16 24.22 -24.65
N LEU B 178 15.88 24.27 -24.28
CA LEU B 178 15.15 23.11 -23.77
C LEU B 178 14.25 22.48 -24.82
N ASP B 179 14.37 22.87 -26.09
CA ASP B 179 13.42 22.42 -27.10
C ASP B 179 13.30 20.90 -27.14
N ASN B 180 14.42 20.20 -27.00
CA ASN B 180 14.42 18.74 -27.09
C ASN B 180 14.11 18.07 -25.76
N VAL B 181 13.79 18.83 -24.72
CA VAL B 181 13.62 18.28 -23.37
C VAL B 181 12.15 17.96 -23.15
N ARG B 182 11.89 16.78 -22.60
CA ARG B 182 10.53 16.35 -22.30
C ARG B 182 10.27 16.15 -20.82
N ILE B 183 11.27 15.75 -20.03
CA ILE B 183 11.11 15.51 -18.59
C ILE B 183 12.31 16.13 -17.88
N VAL B 184 12.05 16.71 -16.70
CA VAL B 184 13.09 17.18 -15.78
C VAL B 184 12.76 16.61 -14.41
N THR B 185 13.70 15.89 -13.81
CA THR B 185 13.59 15.48 -12.42
C THR B 185 14.32 16.48 -11.53
N LEU B 186 13.64 16.95 -10.49
CA LEU B 186 14.24 17.88 -9.55
C LEU B 186 13.75 17.56 -8.14
N ALA B 187 14.46 18.10 -7.16
CA ALA B 187 14.05 17.95 -5.77
C ALA B 187 13.27 19.20 -5.35
N PRO B 188 11.98 19.08 -5.01
CA PRO B 188 11.16 20.28 -4.84
C PRO B 188 11.45 21.07 -3.57
N GLU B 189 12.17 20.49 -2.61
CA GLU B 189 12.51 21.27 -1.42
C GLU B 189 13.52 22.38 -1.73
N LEU B 190 14.14 22.36 -2.91
CA LEU B 190 14.98 23.46 -3.34
C LEU B 190 14.21 24.76 -3.30
N GLY B 191 14.87 25.82 -2.82
CA GLY B 191 14.25 27.13 -2.82
C GLY B 191 13.92 27.59 -4.23
N ARG B 192 12.75 28.20 -4.38
CA ARG B 192 12.25 28.74 -5.65
C ARG B 192 11.90 27.63 -6.64
N SER B 193 11.76 26.39 -6.18
CA SER B 193 11.36 25.30 -7.06
C SER B 193 9.97 25.55 -7.63
N HIS B 194 9.09 26.17 -6.85
CA HIS B 194 7.75 26.50 -7.30
C HIS B 194 7.80 27.25 -8.63
N GLU B 195 8.65 28.29 -8.69
CA GLU B 195 8.78 29.09 -9.91
C GLU B 195 9.28 28.26 -11.08
N VAL B 196 10.29 27.41 -10.84
CA VAL B 196 10.86 26.62 -11.92
C VAL B 196 9.84 25.62 -12.45
N ILE B 197 9.07 25.00 -11.57
CA ILE B 197 8.09 24.01 -11.99
C ILE B 197 7.02 24.65 -12.86
N ARG B 198 6.52 25.81 -12.47
CA ARG B 198 5.53 26.51 -13.27
C ARG B 198 6.08 26.82 -14.65
N ALA B 199 7.31 27.32 -14.71
CA ALA B 199 7.92 27.71 -15.97
C ALA B 199 8.11 26.50 -16.88
N LEU B 200 8.56 25.37 -16.31
CA LEU B 200 8.79 24.17 -17.11
C LEU B 200 7.48 23.62 -17.66
N THR B 201 6.47 23.49 -16.80
CA THR B 201 5.21 22.90 -17.26
C THR B 201 4.48 23.85 -18.20
N ALA B 202 4.65 25.17 -18.04
CA ALA B 202 4.07 26.11 -18.99
C ALA B 202 4.65 25.93 -20.39
N ARG B 203 5.90 25.45 -20.46
CA ARG B 203 6.54 25.15 -21.73
C ARG B 203 6.32 23.70 -22.17
N GLY B 204 5.41 22.98 -21.52
CA GLY B 204 5.10 21.62 -21.92
C GLY B 204 6.06 20.57 -21.42
N ILE B 205 6.92 20.88 -20.47
CA ILE B 205 7.89 19.92 -19.95
C ILE B 205 7.31 19.27 -18.71
N CYS B 206 7.37 17.93 -18.67
CA CYS B 206 6.94 17.20 -17.49
C CYS B 206 7.97 17.37 -16.37
N VAL B 207 7.50 17.70 -15.18
CA VAL B 207 8.36 17.83 -14.00
C VAL B 207 8.15 16.60 -13.12
N SER B 208 9.26 15.95 -12.77
CA SER B 208 9.24 14.79 -11.91
C SER B 208 9.99 15.09 -10.62
N LEU B 209 9.50 14.54 -9.51
CA LEU B 209 10.12 14.73 -8.21
C LEU B 209 10.98 13.52 -7.87
N GLY B 210 12.24 13.77 -7.52
CA GLY B 210 13.15 12.68 -7.21
C GLY B 210 14.43 13.20 -6.57
N HIS B 211 15.21 12.25 -6.06
CA HIS B 211 16.46 12.56 -5.37
C HIS B 211 16.26 13.71 -4.38
N SER B 212 15.33 13.49 -3.45
CA SER B 212 14.73 14.57 -2.68
C SER B 212 14.42 14.10 -1.25
N VAL B 213 14.58 15.01 -0.28
CA VAL B 213 14.15 14.74 1.09
C VAL B 213 12.90 15.57 1.38
N ALA B 214 12.11 15.85 0.35
CA ALA B 214 10.89 16.62 0.54
C ALA B 214 9.90 15.86 1.40
N ASP B 215 9.19 16.57 2.27
CA ASP B 215 8.11 15.95 3.02
C ASP B 215 6.85 15.96 2.16
N LEU B 216 5.76 15.38 2.67
CA LEU B 216 4.56 15.21 1.85
C LEU B 216 4.00 16.57 1.42
N ARG B 217 3.93 17.52 2.34
CA ARG B 217 3.38 18.83 2.00
C ARG B 217 4.17 19.47 0.86
N ALA B 218 5.51 19.39 0.93
CA ALA B 218 6.34 19.94 -0.13
C ALA B 218 6.10 19.23 -1.46
N ALA B 219 5.91 17.91 -1.41
CA ALA B 219 5.63 17.16 -2.63
C ALA B 219 4.26 17.54 -3.20
N GLU B 220 3.25 17.64 -2.34
CA GLU B 220 1.92 18.04 -2.80
C GLU B 220 1.94 19.45 -3.40
N ASP B 221 2.61 20.39 -2.74
CA ASP B 221 2.76 21.74 -3.29
C ASP B 221 3.38 21.71 -4.69
N ALA B 222 4.38 20.85 -4.88
CA ALA B 222 5.04 20.77 -6.18
C ALA B 222 4.11 20.20 -7.24
N VAL B 223 3.23 19.26 -6.86
CA VAL B 223 2.22 18.78 -7.79
C VAL B 223 1.28 19.91 -8.17
N TRP B 224 0.81 20.68 -7.18
CA TRP B 224 -0.01 21.83 -7.49
C TRP B 224 0.73 22.81 -8.40
N SER B 225 2.05 22.92 -8.24
CA SER B 225 2.85 23.76 -9.12
C SER B 225 2.89 23.23 -10.53
N GLY B 226 2.62 21.93 -10.73
CA GLY B 226 2.57 21.35 -12.06
C GLY B 226 3.25 20.01 -12.21
N ALA B 227 3.96 19.56 -11.18
CA ALA B 227 4.65 18.28 -11.27
C ALA B 227 3.64 17.15 -11.44
N THR B 228 3.99 16.16 -12.28
CA THR B 228 3.12 15.05 -12.59
C THR B 228 3.78 13.69 -12.50
N PHE B 229 5.04 13.60 -12.09
CA PHE B 229 5.77 12.34 -12.10
C PHE B 229 6.61 12.25 -10.84
N ILE B 230 6.88 11.01 -10.42
CA ILE B 230 7.83 10.70 -9.36
C ILE B 230 8.91 9.82 -9.96
N THR B 231 10.16 10.15 -9.73
CA THR B 231 11.27 9.41 -10.30
C THR B 231 11.69 8.27 -9.39
N HIS B 232 11.74 7.07 -9.97
CA HIS B 232 11.94 5.78 -9.32
C HIS B 232 11.52 5.79 -7.85
N LEU B 233 10.21 5.62 -7.64
CA LEU B 233 9.63 5.57 -6.30
C LEU B 233 10.43 4.66 -5.39
N PHE B 234 10.63 5.14 -4.16
CA PHE B 234 11.37 4.51 -3.06
C PHE B 234 12.88 4.69 -3.18
N ASN B 235 13.40 4.91 -4.38
CA ASN B 235 14.83 5.09 -4.57
C ASN B 235 15.18 6.58 -4.50
N ALA B 236 16.16 6.90 -3.65
CA ALA B 236 16.65 8.28 -3.49
C ALA B 236 15.54 9.22 -3.03
N MET B 237 14.75 8.79 -2.06
CA MET B 237 13.76 9.63 -1.40
C MET B 237 13.53 9.09 0.00
N LEU B 238 12.80 9.87 0.80
CA LEU B 238 12.49 9.43 2.15
C LEU B 238 11.55 8.22 2.10
N PRO B 239 11.60 7.37 3.12
CA PRO B 239 10.74 6.19 3.14
C PRO B 239 9.29 6.56 3.36
N PHE B 240 8.41 5.59 3.12
CA PHE B 240 7.04 5.73 3.59
C PHE B 240 7.07 5.62 5.10
N HIS B 241 6.42 6.57 5.77
CA HIS B 241 6.39 6.59 7.22
C HIS B 241 5.01 7.01 7.72
N HIS B 242 4.65 6.49 8.90
CA HIS B 242 3.35 6.72 9.52
C HIS B 242 3.24 8.07 10.23
N ARG B 243 4.31 8.87 10.27
CA ARG B 243 4.23 10.23 10.78
C ARG B 243 4.30 11.25 9.64
N ASP B 244 5.24 11.10 8.72
CA ASP B 244 5.24 11.90 7.51
C ASP B 244 5.72 11.02 6.37
N PRO B 245 4.85 10.74 5.40
CA PRO B 245 5.16 9.75 4.37
C PRO B 245 6.10 10.25 3.26
N GLY B 246 6.43 11.53 3.23
CA GLY B 246 7.29 12.04 2.19
C GLY B 246 6.66 11.91 0.81
N ILE B 247 7.52 11.86 -0.20
CA ILE B 247 7.04 11.80 -1.59
C ILE B 247 6.18 10.57 -1.84
N VAL B 248 6.53 9.43 -1.22
CA VAL B 248 5.74 8.22 -1.44
C VAL B 248 4.29 8.46 -1.05
N GLY B 249 4.05 9.35 -0.09
CA GLY B 249 2.70 9.68 0.34
C GLY B 249 1.85 10.31 -0.74
N LEU B 250 2.44 10.75 -1.85
CA LEU B 250 1.65 11.25 -2.97
C LEU B 250 0.71 10.17 -3.50
N LEU B 251 1.10 8.90 -3.38
CA LEU B 251 0.25 7.81 -3.87
C LEU B 251 -1.04 7.68 -3.07
N THR B 252 -1.09 8.20 -1.86
CA THR B 252 -2.29 8.13 -1.03
C THR B 252 -2.87 9.50 -0.71
N SER B 253 -2.29 10.57 -1.23
CA SER B 253 -2.71 11.90 -0.87
C SER B 253 -4.11 12.19 -1.41
N ASP B 254 -4.92 12.86 -0.58
CA ASP B 254 -6.19 13.43 -0.98
C ASP B 254 -6.10 14.93 -1.25
N ARG B 255 -4.90 15.50 -1.18
CA ARG B 255 -4.67 16.94 -1.28
C ARG B 255 -4.18 17.36 -2.66
N LEU B 256 -4.36 16.53 -3.69
CA LEU B 256 -3.87 16.86 -5.01
C LEU B 256 -4.98 17.46 -5.89
N PRO B 257 -4.60 18.09 -7.01
CA PRO B 257 -5.63 18.64 -7.91
C PRO B 257 -6.60 17.55 -8.38
N ALA B 258 -7.89 17.87 -8.36
CA ALA B 258 -8.91 16.89 -8.66
C ALA B 258 -8.71 16.31 -10.05
N GLY B 259 -8.82 14.99 -10.15
CA GLY B 259 -8.71 14.33 -11.43
C GLY B 259 -7.30 14.16 -11.95
N ARG B 260 -6.30 14.54 -11.17
CA ARG B 260 -4.93 14.37 -11.61
C ARG B 260 -4.37 13.05 -11.09
N CYS B 261 -3.87 12.25 -12.00
CA CYS B 261 -3.22 10.99 -11.66
C CYS B 261 -1.74 11.30 -11.51
N ILE B 262 -1.19 11.14 -10.31
CA ILE B 262 0.24 11.26 -10.16
C ILE B 262 0.86 9.96 -10.66
N PHE B 263 1.76 10.08 -11.63
CA PHE B 263 2.46 8.91 -12.11
C PHE B 263 3.78 8.76 -11.36
N TYR B 264 4.27 7.54 -11.34
CA TYR B 264 5.49 7.26 -10.58
C TYR B 264 6.24 6.11 -11.22
N GLY B 265 7.53 6.31 -11.42
CA GLY B 265 8.35 5.27 -11.98
C GLY B 265 8.78 4.27 -10.92
N MET B 266 8.90 3.01 -11.34
CA MET B 266 9.46 1.96 -10.51
C MET B 266 10.41 1.12 -11.35
N ILE B 267 11.55 0.81 -10.75
CA ILE B 267 12.55 -0.05 -11.38
C ILE B 267 12.28 -1.46 -10.87
N ALA B 268 11.76 -2.31 -11.75
CA ALA B 268 11.43 -3.69 -11.38
C ALA B 268 12.50 -4.66 -11.86
N ASP B 269 13.75 -4.39 -11.49
CA ASP B 269 14.87 -5.23 -11.88
C ASP B 269 15.18 -6.33 -10.87
N GLY B 270 14.48 -6.35 -9.74
CA GLY B 270 14.75 -7.32 -8.69
C GLY B 270 15.76 -6.88 -7.66
N THR B 271 16.41 -5.73 -7.85
CA THR B 271 17.39 -5.22 -6.90
C THR B 271 17.01 -3.88 -6.31
N HIS B 272 16.42 -2.97 -7.10
CA HIS B 272 16.13 -1.63 -6.59
C HIS B 272 14.99 -1.62 -5.59
N THR B 273 14.03 -2.54 -5.72
CA THR B 273 12.92 -2.63 -4.78
C THR B 273 12.55 -4.10 -4.64
N ASN B 274 12.21 -4.50 -3.42
CA ASN B 274 11.75 -5.85 -3.17
C ASN B 274 10.30 -5.99 -3.61
N PRO B 275 9.78 -7.22 -3.67
CA PRO B 275 8.40 -7.39 -4.14
C PRO B 275 7.37 -6.65 -3.31
N ALA B 276 7.58 -6.52 -1.99
CA ALA B 276 6.62 -5.83 -1.14
C ALA B 276 6.43 -4.39 -1.61
N ALA B 277 7.51 -3.73 -2.04
CA ALA B 277 7.42 -2.35 -2.47
C ALA B 277 6.63 -2.22 -3.77
N LEU B 278 6.90 -3.11 -4.73
CA LEU B 278 6.13 -3.10 -5.98
C LEU B 278 4.67 -3.36 -5.70
N ARG B 279 4.38 -4.30 -4.80
CA ARG B 279 3.01 -4.66 -4.47
C ARG B 279 2.30 -3.52 -3.74
N ILE B 280 2.95 -2.92 -2.73
CA ILE B 280 2.26 -1.93 -1.92
C ILE B 280 1.93 -0.70 -2.76
N ALA B 281 2.82 -0.33 -3.69
CA ALA B 281 2.57 0.81 -4.57
C ALA B 281 1.48 0.49 -5.58
N HIS B 282 1.58 -0.66 -6.23
CA HIS B 282 0.59 -1.06 -7.23
C HIS B 282 -0.81 -1.14 -6.62
N ARG B 283 -0.91 -1.59 -5.37
CA ARG B 283 -2.21 -1.69 -4.72
C ARG B 283 -2.73 -0.34 -4.25
N ALA B 284 -1.83 0.55 -3.83
CA ALA B 284 -2.24 1.87 -3.38
C ALA B 284 -2.66 2.77 -4.54
N HIS B 285 -2.02 2.63 -5.70
CA HIS B 285 -2.25 3.56 -6.81
C HIS B 285 -1.88 2.86 -8.11
N PRO B 286 -2.66 1.88 -8.56
CA PRO B 286 -2.27 1.11 -9.74
C PRO B 286 -2.20 1.94 -11.01
N GLN B 287 -3.06 2.94 -11.17
CA GLN B 287 -3.16 3.70 -12.42
C GLN B 287 -1.93 4.55 -12.68
N GLY B 288 -1.16 4.89 -11.65
CA GLY B 288 0.00 5.74 -11.85
C GLY B 288 1.30 5.04 -12.09
N LEU B 289 1.34 3.71 -11.96
CA LEU B 289 2.62 3.02 -11.98
C LEU B 289 3.20 2.98 -13.38
N VAL B 290 4.44 3.44 -13.50
CA VAL B 290 5.20 3.47 -14.74
C VAL B 290 6.46 2.64 -14.54
N LEU B 291 6.63 1.61 -15.36
CA LEU B 291 7.88 0.87 -15.35
C LEU B 291 8.93 1.62 -16.17
N VAL B 292 10.09 1.85 -15.55
CA VAL B 292 11.26 2.39 -16.24
C VAL B 292 12.41 1.41 -16.02
N THR B 293 13.34 1.37 -16.97
CA THR B 293 14.52 0.53 -16.74
C THR B 293 15.56 1.23 -15.88
N ASP B 294 15.70 2.55 -16.00
CA ASP B 294 16.83 3.25 -15.40
C ASP B 294 18.14 2.62 -15.83
N ALA B 295 18.19 2.14 -17.07
CA ALA B 295 19.35 1.39 -17.52
C ALA B 295 20.57 2.29 -17.61
N ILE B 296 21.74 1.70 -17.44
CA ILE B 296 23.00 2.41 -17.50
C ILE B 296 23.84 1.86 -18.64
N PRO B 297 24.97 2.49 -18.98
CA PRO B 297 25.77 2.01 -20.12
C PRO B 297 26.16 0.56 -20.02
N ALA B 298 26.23 -0.01 -18.82
CA ALA B 298 26.61 -1.40 -18.65
C ALA B 298 25.52 -2.37 -19.08
N LEU B 299 24.31 -1.89 -19.37
CA LEU B 299 23.27 -2.75 -19.89
C LEU B 299 23.78 -3.53 -21.08
N GLY B 300 23.59 -4.85 -21.05
CA GLY B 300 24.02 -5.71 -22.14
C GLY B 300 25.49 -6.08 -22.15
N LEU B 301 26.30 -5.46 -21.30
CA LEU B 301 27.73 -5.76 -21.21
C LEU B 301 28.09 -6.58 -19.99
N GLY B 302 27.40 -6.35 -18.87
CA GLY B 302 27.56 -7.17 -17.71
C GLY B 302 28.68 -6.67 -16.82
N ASN B 303 29.34 -7.60 -16.12
CA ASN B 303 30.34 -7.24 -15.13
C ASN B 303 31.44 -6.40 -15.78
N GLY B 304 32.18 -5.70 -14.93
CA GLY B 304 33.32 -4.89 -15.35
C GLY B 304 33.09 -3.42 -15.10
N ARG B 305 34.05 -2.63 -15.55
CA ARG B 305 34.06 -1.18 -15.34
C ARG B 305 33.35 -0.45 -16.47
N HIS B 306 32.50 0.52 -16.10
CA HIS B 306 31.78 1.35 -17.05
C HIS B 306 31.67 2.77 -16.49
N THR B 307 30.95 3.63 -17.21
CA THR B 307 30.71 4.99 -16.77
C THR B 307 29.22 5.26 -16.60
N LEU B 308 28.90 6.28 -15.81
CA LEU B 308 27.57 6.87 -15.76
C LEU B 308 27.78 8.37 -15.62
N GLY B 309 27.83 9.07 -16.76
CA GLY B 309 28.14 10.48 -16.75
C GLY B 309 29.55 10.71 -16.24
N GLN B 310 29.68 11.55 -15.20
CA GLN B 310 30.98 11.85 -14.63
C GLN B 310 31.49 10.76 -13.70
N GLN B 311 30.71 9.71 -13.46
CA GLN B 311 31.07 8.67 -12.50
C GLN B 311 31.59 7.42 -13.21
N GLU B 312 32.46 6.71 -12.50
CA GLU B 312 32.85 5.36 -12.88
C GLU B 312 31.95 4.37 -12.15
N VAL B 313 31.51 3.36 -12.89
CA VAL B 313 30.57 2.36 -12.38
C VAL B 313 31.23 1.00 -12.49
N GLU B 314 31.05 0.17 -11.46
CA GLU B 314 31.51 -1.20 -11.50
C GLU B 314 30.31 -2.11 -11.29
N VAL B 315 30.14 -3.07 -12.20
CA VAL B 315 29.08 -4.07 -12.07
C VAL B 315 29.71 -5.32 -11.49
N ASP B 316 29.29 -5.68 -10.28
CA ASP B 316 29.82 -6.84 -9.57
C ASP B 316 28.65 -7.72 -9.12
N GLY B 317 28.57 -8.92 -9.68
CA GLY B 317 27.47 -9.82 -9.36
C GLY B 317 26.11 -9.29 -9.78
N LEU B 318 26.01 -8.80 -11.02
CA LEU B 318 24.75 -8.35 -11.61
C LEU B 318 24.16 -7.13 -10.92
N THR B 319 24.96 -6.40 -10.15
CA THR B 319 24.52 -5.19 -9.47
C THR B 319 25.49 -4.07 -9.81
N ALA B 320 24.96 -2.89 -10.11
CA ALA B 320 25.75 -1.75 -10.53
C ALA B 320 25.99 -0.81 -9.35
N TYR B 321 27.25 -0.52 -9.08
CA TYR B 321 27.64 0.42 -8.04
C TYR B 321 28.58 1.47 -8.63
N VAL B 322 28.55 2.66 -8.04
CA VAL B 322 29.64 3.62 -8.27
C VAL B 322 30.93 2.95 -7.87
N ALA B 323 31.94 3.04 -8.73
CA ALA B 323 33.21 2.36 -8.49
C ALA B 323 33.76 2.71 -7.11
N GLY B 324 34.11 1.68 -6.35
CA GLY B 324 34.70 1.86 -5.05
C GLY B 324 33.69 2.07 -3.93
N THR B 325 32.40 1.89 -4.20
CA THR B 325 31.35 2.15 -3.23
C THR B 325 30.33 1.02 -3.28
N LYS B 326 29.34 1.11 -2.38
CA LYS B 326 28.14 0.27 -2.44
C LYS B 326 26.91 1.12 -2.77
N THR B 327 27.12 2.22 -3.48
CA THR B 327 26.04 3.11 -3.90
C THR B 327 25.46 2.62 -5.22
N LEU B 328 24.18 2.23 -5.20
CA LEU B 328 23.53 1.81 -6.44
C LEU B 328 23.61 2.90 -7.49
N SER B 329 23.94 2.50 -8.73
CA SER B 329 24.09 3.44 -9.84
C SER B 329 23.34 2.86 -11.04
N GLY B 330 22.02 2.76 -10.93
CA GLY B 330 21.20 2.36 -12.04
C GLY B 330 21.10 0.85 -12.19
N SER B 331 20.50 0.45 -13.32
CA SER B 331 20.08 -0.92 -13.52
C SER B 331 20.67 -1.48 -14.82
N ILE B 332 20.79 -2.80 -14.86
CA ILE B 332 21.20 -3.53 -16.04
C ILE B 332 20.11 -4.46 -16.54
N ALA B 333 18.85 -4.21 -16.15
CA ALA B 333 17.72 -5.04 -16.58
C ALA B 333 17.00 -4.36 -17.74
N PRO B 334 16.82 -5.03 -18.88
CA PRO B 334 16.03 -4.44 -19.97
C PRO B 334 14.54 -4.40 -19.63
N MET B 335 13.79 -3.67 -20.44
CA MET B 335 12.39 -3.39 -20.14
C MET B 335 11.56 -4.68 -20.09
N ASP B 336 11.79 -5.60 -21.02
CA ASP B 336 10.98 -6.82 -21.02
C ASP B 336 11.26 -7.67 -19.79
N VAL B 337 12.50 -7.68 -19.30
CA VAL B 337 12.79 -8.32 -18.01
C VAL B 337 12.03 -7.64 -16.89
N CYS B 338 12.00 -6.30 -16.91
CA CYS B 338 11.27 -5.56 -15.88
C CYS B 338 9.78 -5.88 -15.92
N VAL B 339 9.21 -5.97 -17.13
CA VAL B 339 7.80 -6.29 -17.25
C VAL B 339 7.51 -7.66 -16.63
N ARG B 340 8.36 -8.64 -16.93
CA ARG B 340 8.12 -9.99 -16.43
C ARG B 340 8.36 -10.06 -14.93
N HIS B 341 9.34 -9.32 -14.43
CA HIS B 341 9.57 -9.31 -12.99
C HIS B 341 8.41 -8.65 -12.27
N PHE B 342 7.95 -7.50 -12.77
CA PHE B 342 6.81 -6.85 -12.16
C PHE B 342 5.59 -7.77 -12.12
N LEU B 343 5.34 -8.48 -13.22
CA LEU B 343 4.23 -9.42 -13.29
C LEU B 343 4.36 -10.50 -12.22
N GLN B 344 5.54 -11.12 -12.15
CA GLN B 344 5.72 -12.24 -11.23
C GLN B 344 5.71 -11.75 -9.79
N ALA B 345 6.33 -10.59 -9.54
CA ALA B 345 6.50 -10.12 -8.16
C ALA B 345 5.17 -9.62 -7.57
N THR B 346 4.33 -9.00 -8.39
CA THR B 346 3.07 -8.43 -7.90
C THR B 346 1.90 -9.40 -7.99
N GLY B 347 1.98 -10.43 -8.85
CA GLY B 347 0.81 -11.24 -9.08
C GLY B 347 -0.30 -10.50 -9.79
N CYS B 348 0.01 -9.37 -10.42
CA CYS B 348 -0.98 -8.59 -11.13
C CYS B 348 -1.39 -9.31 -12.42
N SER B 349 -2.37 -8.74 -13.13
CA SER B 349 -2.78 -9.29 -14.41
C SER B 349 -1.74 -8.96 -15.49
N MET B 350 -1.73 -9.77 -16.53
CA MET B 350 -0.91 -9.44 -17.70
C MET B 350 -1.24 -8.04 -18.19
N GLU B 351 -2.52 -7.68 -18.19
CA GLU B 351 -2.92 -6.35 -18.66
C GLU B 351 -2.29 -5.25 -17.82
N SER B 352 -2.28 -5.41 -16.49
CA SER B 352 -1.70 -4.37 -15.65
C SER B 352 -0.20 -4.22 -15.91
N ALA B 353 0.50 -5.33 -16.08
CA ALA B 353 1.94 -5.25 -16.32
C ALA B 353 2.22 -4.56 -17.65
N LEU B 354 1.44 -4.89 -18.67
CA LEU B 354 1.66 -4.30 -19.99
C LEU B 354 1.33 -2.82 -20.00
N GLU B 355 0.27 -2.42 -19.27
CA GLU B 355 -0.10 -1.01 -19.19
C GLU B 355 0.94 -0.20 -18.45
N ALA B 356 1.56 -0.78 -17.43
CA ALA B 356 2.57 -0.04 -16.69
C ALA B 356 3.78 0.25 -17.55
N ALA B 357 4.01 -0.53 -18.61
CA ALA B 357 5.16 -0.35 -19.47
C ALA B 357 4.85 0.45 -20.73
N SER B 358 3.61 0.89 -20.91
CA SER B 358 3.23 1.54 -22.16
C SER B 358 2.14 2.58 -21.96
N LEU B 359 0.92 2.11 -21.69
CA LEU B 359 -0.20 3.04 -21.50
C LEU B 359 0.14 4.13 -20.50
N HIS B 360 0.60 3.75 -19.31
CA HIS B 360 0.82 4.73 -18.26
C HIS B 360 1.89 5.76 -18.63
N PRO B 361 3.08 5.38 -19.12
CA PRO B 361 4.02 6.42 -19.56
C PRO B 361 3.48 7.28 -20.69
N ALA B 362 2.69 6.70 -21.60
CA ALA B 362 2.06 7.53 -22.63
C ALA B 362 1.14 8.56 -22.00
N GLN B 363 0.32 8.15 -21.03
CA GLN B 363 -0.59 9.08 -20.37
C GLN B 363 0.17 10.17 -19.65
N LEU B 364 1.26 9.81 -18.96
CA LEU B 364 2.10 10.80 -18.31
C LEU B 364 2.48 11.91 -19.29
N LEU B 365 2.89 11.54 -20.49
CA LEU B 365 3.41 12.50 -21.46
C LEU B 365 2.33 13.10 -22.35
N GLY B 366 1.07 12.82 -22.07
CA GLY B 366 -0.01 13.37 -22.90
C GLY B 366 -0.09 12.75 -24.28
N LEU B 367 0.43 11.53 -24.44
CA LEU B 367 0.54 10.90 -25.75
C LEU B 367 -0.45 9.77 -25.98
N GLU B 368 -1.46 9.62 -25.11
CA GLU B 368 -2.26 8.40 -25.12
C GLU B 368 -3.13 8.27 -26.36
N LYS B 369 -3.25 9.32 -27.18
CA LYS B 369 -4.00 9.21 -28.41
C LYS B 369 -3.14 8.71 -29.56
N SER B 370 -1.81 8.71 -29.40
CA SER B 370 -0.91 8.25 -30.44
C SER B 370 0.01 7.13 -30.00
N LYS B 371 0.37 7.03 -28.72
CA LYS B 371 1.24 5.97 -28.22
C LYS B 371 0.57 5.28 -27.03
N GLY B 372 1.11 4.11 -26.69
CA GLY B 372 0.69 3.39 -25.51
C GLY B 372 -0.66 2.72 -25.58
N THR B 373 -1.35 2.74 -26.72
CA THR B 373 -2.65 2.10 -26.84
C THR B 373 -2.80 1.44 -28.20
N LEU B 374 -3.73 0.50 -28.27
CA LEU B 374 -4.22 -0.03 -29.54
C LEU B 374 -5.58 0.56 -29.90
N ASP B 375 -5.84 1.79 -29.48
CA ASP B 375 -7.07 2.46 -29.86
C ASP B 375 -6.99 2.89 -31.31
N PHE B 376 -8.16 3.02 -31.94
CA PHE B 376 -8.23 3.45 -33.33
C PHE B 376 -7.54 4.79 -33.49
N GLY B 377 -6.74 4.92 -34.54
CA GLY B 377 -6.05 6.16 -34.82
C GLY B 377 -4.68 6.30 -34.17
N ALA B 378 -4.35 5.46 -33.20
CA ALA B 378 -3.04 5.54 -32.56
C ALA B 378 -1.97 4.99 -33.49
N ASP B 379 -0.72 5.32 -33.18
CA ASP B 379 0.39 4.78 -33.95
C ASP B 379 0.46 3.27 -33.75
N ALA B 380 0.70 2.55 -34.83
CA ALA B 380 0.75 1.09 -34.78
C ALA B 380 2.13 0.62 -34.31
N ASP B 381 2.44 0.99 -33.07
CA ASP B 381 3.61 0.50 -32.36
C ASP B 381 3.15 -0.58 -31.39
N PHE B 382 3.59 -1.81 -31.61
CA PHE B 382 3.09 -2.88 -30.76
C PHE B 382 4.06 -4.05 -30.75
N VAL B 383 3.89 -4.93 -29.77
CA VAL B 383 4.73 -6.11 -29.61
C VAL B 383 3.87 -7.36 -29.66
N VAL B 384 4.47 -8.43 -30.15
CA VAL B 384 3.88 -9.76 -30.14
C VAL B 384 4.49 -10.51 -28.97
N LEU B 385 3.64 -11.03 -28.08
CA LEU B 385 4.08 -11.64 -26.82
C LEU B 385 3.50 -13.03 -26.68
N ASP B 386 4.24 -13.93 -26.03
CA ASP B 386 3.64 -15.17 -25.57
C ASP B 386 3.04 -14.93 -24.18
N ASP B 387 2.44 -15.98 -23.62
CA ASP B 387 1.72 -15.85 -22.35
C ASP B 387 2.64 -15.65 -21.15
N SER B 388 3.94 -15.82 -21.31
CA SER B 388 4.88 -15.44 -20.26
C SER B 388 5.38 -14.01 -20.44
N LEU B 389 4.87 -13.31 -21.45
CA LEU B 389 5.27 -11.96 -21.80
C LEU B 389 6.74 -11.92 -22.23
N HIS B 390 7.15 -12.93 -22.99
CA HIS B 390 8.37 -12.83 -23.77
C HIS B 390 8.04 -12.14 -25.08
N VAL B 391 8.88 -11.17 -25.46
CA VAL B 391 8.67 -10.42 -26.69
C VAL B 391 9.20 -11.25 -27.86
N GLN B 392 8.32 -11.60 -28.79
CA GLN B 392 8.72 -12.37 -29.95
C GLN B 392 8.80 -11.55 -31.23
N ALA B 393 8.17 -10.38 -31.27
CA ALA B 393 8.27 -9.50 -32.43
C ALA B 393 7.89 -8.10 -32.00
N THR B 394 8.44 -7.12 -32.71
CA THR B 394 8.21 -5.71 -32.43
C THR B 394 7.85 -5.01 -33.73
N TYR B 395 6.79 -4.21 -33.67
CA TYR B 395 6.29 -3.44 -34.79
C TYR B 395 6.30 -1.95 -34.44
N ILE B 396 6.72 -1.14 -35.42
CA ILE B 396 6.62 0.32 -35.34
C ILE B 396 5.98 0.81 -36.64
N SER B 397 4.95 1.65 -36.52
CA SER B 397 4.22 2.16 -37.68
C SER B 397 3.71 1.01 -38.55
N GLY B 398 3.28 -0.06 -37.90
CA GLY B 398 2.73 -1.21 -38.61
C GLY B 398 3.74 -2.08 -39.32
N GLU B 399 5.04 -1.83 -39.13
CA GLU B 399 6.10 -2.51 -39.84
C GLU B 399 6.89 -3.37 -38.86
N LEU B 400 7.19 -4.60 -39.27
CA LEU B 400 7.99 -5.49 -38.42
C LEU B 400 9.43 -4.99 -38.39
N VAL B 401 9.90 -4.64 -37.20
CA VAL B 401 11.25 -4.10 -37.05
C VAL B 401 12.17 -5.00 -36.24
N TRP B 402 11.64 -6.02 -35.57
CA TRP B 402 12.46 -7.02 -34.91
C TRP B 402 11.63 -8.27 -34.66
N GLN B 403 12.29 -9.43 -34.77
CA GLN B 403 11.66 -10.71 -34.52
C GLN B 403 12.65 -11.60 -33.80
N ALA B 404 12.20 -12.31 -32.77
CA ALA B 404 13.11 -13.15 -31.99
C ALA B 404 13.74 -14.24 -32.85
N ASP B 405 12.95 -14.87 -33.71
CA ASP B 405 13.47 -15.88 -34.64
C ASP B 405 12.49 -16.01 -35.80
N ALA B 406 12.79 -16.93 -36.70
CA ALA B 406 11.94 -17.22 -37.84
C ALA B 406 11.61 -18.70 -37.89
N ALA B 407 11.44 -19.32 -36.72
CA ALA B 407 11.15 -20.75 -36.67
C ALA B 407 9.72 -21.05 -37.15
N ARG B 408 8.80 -20.10 -36.96
CA ARG B 408 7.42 -20.26 -37.42
C ARG B 408 7.21 -19.48 -38.71
#